data_3H0U
#
_entry.id   3H0U
#
_cell.length_a   134.896
_cell.length_b   102.442
_cell.length_c   96.173
_cell.angle_alpha   90.000
_cell.angle_beta   132.110
_cell.angle_gamma   90.000
#
_symmetry.space_group_name_H-M   'C 1 2 1'
#
loop_
_entity.id
_entity.type
_entity.pdbx_description
1 polymer 'Putative enoyl-CoA hydratase'
2 non-polymer 'DIMETHYL SULFOXIDE'
3 non-polymer 'SODIUM ION'
4 water water
#
_entity_poly.entity_id   1
_entity_poly.type   'polypeptide(L)'
_entity_poly.pdbx_seq_one_letter_code
;MSLTASYETIKARLDGTVLSATFNAPPMNLIGPEVVRDLVALLEELAHPTAPRVVIFDSADADFFFPHVDMTKVPEYTAE
AAKAGGPGDASLGMLFRKLSQLPAVTIAKLRGRARGAGSEFLLACDMRFASRENAILGQPEVGIGAPPGAGAIQHLTRLL
GRGRALEAVLTSSDFDADLAERYGWVNRAVPDAELDEFVAGIAARMSGFPRDALIAAKSAINAISLPAPAEVRADAALFQ
QLVRGEKVQQRTAELFKQGFQTRGATELDLGDALGHLKAVDEGHHHHHH
;
_entity_poly.pdbx_strand_id   A,B,C
#
loop_
_chem_comp.id
_chem_comp.type
_chem_comp.name
_chem_comp.formula
DMS non-polymer 'DIMETHYL SULFOXIDE' 'C2 H6 O S'
NA non-polymer 'SODIUM ION' 'Na 1'
#
# COMPACT_ATOMS: atom_id res chain seq x y z
N SER A 2 25.49 -0.86 -30.46
CA SER A 2 25.47 -1.41 -29.10
C SER A 2 26.50 -0.76 -28.17
N LEU A 3 27.13 0.35 -28.58
CA LEU A 3 28.11 1.05 -27.73
C LEU A 3 27.52 1.38 -26.36
N THR A 4 28.20 0.96 -25.31
CA THR A 4 27.82 1.32 -23.95
C THR A 4 29.03 1.13 -23.06
N ALA A 5 29.15 1.92 -22.01
CA ALA A 5 30.30 1.79 -21.10
C ALA A 5 30.13 0.56 -20.23
N SER A 6 31.24 -0.11 -19.94
CA SER A 6 31.29 -1.16 -18.93
C SER A 6 32.37 -0.76 -17.92
N TYR A 7 32.33 -1.36 -16.73
CA TYR A 7 33.10 -0.83 -15.60
C TYR A 7 33.83 -1.94 -14.86
N GLU A 8 34.76 -1.56 -13.99
CA GLU A 8 35.51 -2.53 -13.21
C GLU A 8 34.57 -3.49 -12.44
N THR A 9 33.50 -2.94 -11.87
CA THR A 9 32.61 -3.71 -11.00
C THR A 9 31.19 -3.92 -11.56
N ILE A 10 30.93 -3.40 -12.76
CA ILE A 10 29.61 -3.54 -13.39
C ILE A 10 29.84 -3.92 -14.83
N LYS A 11 29.42 -5.13 -15.16
CA LYS A 11 29.54 -5.66 -16.53
C LYS A 11 28.26 -5.29 -17.26
N ALA A 12 28.39 -4.33 -18.16
CA ALA A 12 27.24 -3.73 -18.84
C ALA A 12 27.33 -4.04 -20.31
N ARG A 13 26.20 -4.43 -20.89
CA ARG A 13 26.14 -4.65 -22.32
C ARG A 13 24.74 -4.32 -22.81
N LEU A 14 24.71 -3.74 -24.00
CA LEU A 14 23.49 -3.20 -24.59
C LEU A 14 23.06 -4.08 -25.75
N ASP A 15 21.85 -4.61 -25.64
CA ASP A 15 21.27 -5.46 -26.67
C ASP A 15 20.01 -4.72 -27.14
N GLY A 16 20.12 -4.04 -28.28
CA GLY A 16 19.09 -3.09 -28.72
C GLY A 16 18.95 -1.88 -27.83
N THR A 17 17.79 -1.77 -27.18
CA THR A 17 17.51 -0.69 -26.24
C THR A 17 17.43 -1.23 -24.81
N VAL A 18 17.84 -2.49 -24.61
CA VAL A 18 17.86 -3.10 -23.26
C VAL A 18 19.29 -3.27 -22.79
N LEU A 19 19.65 -2.57 -21.73
CA LEU A 19 20.95 -2.70 -21.10
C LEU A 19 20.88 -3.74 -20.00
N SER A 20 21.82 -4.67 -19.99
CA SER A 20 21.98 -5.59 -18.89
C SER A 20 23.24 -5.21 -18.12
N ALA A 21 23.09 -4.95 -16.83
CA ALA A 21 24.18 -4.53 -15.96
C ALA A 21 24.32 -5.50 -14.78
N THR A 22 25.47 -6.17 -14.71
CA THR A 22 25.71 -7.20 -13.71
C THR A 22 26.77 -6.72 -12.74
N PHE A 23 26.42 -6.66 -11.45
CA PHE A 23 27.38 -6.30 -10.42
C PHE A 23 28.29 -7.47 -10.11
N ASN A 24 29.59 -7.21 -10.19
CA ASN A 24 30.60 -8.23 -9.96
C ASN A 24 31.80 -7.56 -9.31
N ALA A 25 31.80 -7.60 -7.98
CA ALA A 25 32.82 -6.94 -7.17
C ALA A 25 33.31 -7.91 -6.11
N PRO A 26 34.16 -8.87 -6.51
CA PRO A 26 34.66 -9.83 -5.54
C PRO A 26 35.43 -9.13 -4.43
N PRO A 27 35.55 -9.78 -3.26
CA PRO A 27 35.17 -11.16 -3.00
C PRO A 27 33.68 -11.48 -2.80
N MET A 28 32.85 -10.52 -2.39
CA MET A 28 31.46 -10.86 -2.10
C MET A 28 30.44 -9.76 -2.39
N ASN A 29 30.77 -8.88 -3.33
CA ASN A 29 29.84 -7.82 -3.77
C ASN A 29 29.46 -6.83 -2.67
N LEU A 30 30.34 -6.59 -1.71
CA LEU A 30 30.12 -5.48 -0.79
C LEU A 30 30.01 -4.18 -1.59
N ILE A 31 29.15 -3.27 -1.14
CA ILE A 31 29.07 -1.95 -1.75
C ILE A 31 30.23 -1.14 -1.16
N GLY A 32 31.32 -1.07 -1.93
CA GLY A 32 32.49 -0.28 -1.57
C GLY A 32 32.68 0.89 -2.51
N PRO A 33 33.84 1.57 -2.42
CA PRO A 33 34.04 2.77 -3.23
C PRO A 33 34.05 2.50 -4.74
N GLU A 34 34.56 1.36 -5.16
CA GLU A 34 34.62 1.02 -6.58
C GLU A 34 33.21 0.81 -7.14
N VAL A 35 32.39 0.03 -6.44
CA VAL A 35 31.00 -0.15 -6.83
C VAL A 35 30.26 1.19 -6.92
N VAL A 36 30.43 2.03 -5.91
CA VAL A 36 29.75 3.33 -5.89
C VAL A 36 30.22 4.22 -7.04
N ARG A 37 31.53 4.31 -7.24
CA ARG A 37 32.12 5.05 -8.37
C ARG A 37 31.52 4.60 -9.68
N ASP A 38 31.47 3.29 -9.90
CA ASP A 38 30.96 2.77 -11.14
C ASP A 38 29.46 3.01 -11.30
N LEU A 39 28.71 2.92 -10.21
CA LEU A 39 27.28 3.23 -10.28
C LEU A 39 27.05 4.71 -10.59
N VAL A 40 27.83 5.60 -9.97
CA VAL A 40 27.76 7.02 -10.28
C VAL A 40 27.96 7.25 -11.79
N ALA A 41 29.01 6.63 -12.34
CA ALA A 41 29.30 6.75 -13.76
C ALA A 41 28.18 6.21 -14.64
N LEU A 42 27.65 5.05 -14.28
CA LEU A 42 26.54 4.45 -15.04
C LEU A 42 25.31 5.35 -15.04
N LEU A 43 24.99 5.94 -13.89
CA LEU A 43 23.80 6.80 -13.81
C LEU A 43 23.97 8.06 -14.64
N GLU A 44 25.18 8.61 -14.67
CA GLU A 44 25.47 9.75 -15.55
C GLU A 44 25.28 9.39 -17.01
N GLU A 45 25.77 8.22 -17.42
CA GLU A 45 25.57 7.76 -18.78
C GLU A 45 24.08 7.59 -19.16
N LEU A 46 23.29 7.12 -18.20
CA LEU A 46 21.88 6.80 -18.47
C LEU A 46 20.97 8.03 -18.50
N ALA A 47 21.52 9.20 -18.20
CA ALA A 47 20.77 10.46 -18.36
C ALA A 47 20.67 10.92 -19.82
N HIS A 48 21.45 10.33 -20.72
CA HIS A 48 21.48 10.75 -22.14
C HIS A 48 20.19 10.35 -22.90
N PRO A 49 19.66 11.26 -23.76
CA PRO A 49 18.39 10.97 -24.43
C PRO A 49 18.38 9.76 -25.36
N THR A 50 19.56 9.36 -25.88
CA THR A 50 19.68 8.18 -26.72
C THR A 50 20.11 6.94 -25.93
N ALA A 51 20.14 7.06 -24.60
CA ALA A 51 20.49 5.93 -23.75
C ALA A 51 19.40 4.87 -23.78
N PRO A 52 19.72 3.65 -23.28
CA PRO A 52 18.75 2.55 -23.32
C PRO A 52 17.45 2.90 -22.58
N ARG A 53 16.32 2.42 -23.11
CA ARG A 53 14.98 2.53 -22.50
C ARG A 53 14.87 1.78 -21.18
N VAL A 54 15.59 0.66 -21.06
CA VAL A 54 15.42 -0.29 -19.97
C VAL A 54 16.77 -0.81 -19.53
N VAL A 55 16.94 -0.98 -18.21
CA VAL A 55 18.13 -1.56 -17.63
C VAL A 55 17.70 -2.72 -16.76
N ILE A 56 18.31 -3.89 -16.98
CA ILE A 56 18.13 -5.04 -16.09
C ILE A 56 19.37 -5.16 -15.20
N PHE A 57 19.19 -5.06 -13.88
CA PHE A 57 20.29 -5.25 -12.92
C PHE A 57 20.26 -6.65 -12.34
N ASP A 58 21.42 -7.29 -12.31
CA ASP A 58 21.58 -8.57 -11.62
C ASP A 58 22.98 -8.62 -11.00
N SER A 59 23.28 -9.77 -10.41
CA SER A 59 24.55 -10.00 -9.69
C SER A 59 25.26 -11.24 -10.21
N ALA A 60 26.58 -11.15 -10.30
CA ALA A 60 27.41 -12.31 -10.64
C ALA A 60 27.72 -13.18 -9.43
N ASP A 61 27.45 -12.69 -8.23
CA ASP A 61 27.86 -13.40 -7.01
C ASP A 61 26.91 -14.56 -6.74
N ALA A 62 27.48 -15.70 -6.36
CA ALA A 62 26.71 -16.92 -6.16
C ALA A 62 25.63 -16.79 -5.09
N ASP A 63 25.88 -15.98 -4.06
CA ASP A 63 25.03 -15.96 -2.88
C ASP A 63 24.44 -14.60 -2.55
N PHE A 64 24.99 -13.55 -3.12
CA PHE A 64 24.58 -12.19 -2.78
C PHE A 64 24.29 -11.36 -4.01
N PHE A 65 23.35 -10.45 -3.87
CA PHE A 65 23.23 -9.34 -4.80
C PHE A 65 24.24 -8.28 -4.28
N PHE A 66 23.95 -7.63 -3.15
CA PHE A 66 24.95 -6.96 -2.33
C PHE A 66 24.66 -7.35 -0.86
N PRO A 67 25.67 -7.80 -0.09
CA PRO A 67 25.42 -8.12 1.32
C PRO A 67 25.00 -6.93 2.17
N HIS A 68 25.55 -5.75 1.84
CA HIS A 68 25.44 -4.48 2.58
C HIS A 68 26.66 -3.62 2.15
N VAL A 69 26.82 -2.42 2.73
CA VAL A 69 27.98 -1.59 2.43
C VAL A 69 29.23 -2.15 3.12
N ASP A 70 30.39 -1.87 2.55
CA ASP A 70 31.65 -2.18 3.21
C ASP A 70 31.83 -1.22 4.39
N MET A 71 31.68 -1.74 5.60
CA MET A 71 31.70 -0.92 6.82
CA MET A 71 31.70 -0.89 6.79
C MET A 71 33.09 -0.40 7.17
N THR A 72 34.11 -0.86 6.44
CA THR A 72 35.47 -0.37 6.64
C THR A 72 35.83 0.77 5.68
N LYS A 73 34.93 1.10 4.76
CA LYS A 73 35.22 2.12 3.73
C LYS A 73 34.12 3.18 3.59
N VAL A 74 33.42 3.50 4.69
CA VAL A 74 32.27 4.40 4.63
C VAL A 74 32.62 5.81 4.12
N PRO A 75 33.68 6.43 4.64
CA PRO A 75 34.02 7.75 4.10
C PRO A 75 34.36 7.71 2.62
N GLU A 76 35.11 6.69 2.20
CA GLU A 76 35.55 6.54 0.81
C GLU A 76 34.40 6.31 -0.16
N TYR A 77 33.46 5.41 0.15
CA TYR A 77 32.34 5.26 -0.76
C TYR A 77 31.37 6.46 -0.72
N THR A 78 31.27 7.13 0.42
CA THR A 78 30.40 8.32 0.52
C THR A 78 30.95 9.45 -0.37
N ALA A 79 32.27 9.60 -0.38
CA ALA A 79 32.92 10.56 -1.27
C ALA A 79 32.70 10.24 -2.74
N GLU A 80 32.68 8.95 -3.09
CA GLU A 80 32.34 8.61 -4.48
C GLU A 80 30.89 8.96 -4.79
N ALA A 81 29.98 8.73 -3.83
CA ALA A 81 28.54 8.92 -4.07
C ALA A 81 28.22 10.39 -4.30
N ALA A 82 28.97 11.24 -3.61
CA ALA A 82 28.80 12.69 -3.66
C ALA A 82 28.98 13.23 -5.07
N LYS A 83 29.81 12.56 -5.87
CA LYS A 83 30.08 13.02 -7.23
C LYS A 83 28.85 12.96 -8.16
N ALA A 84 27.78 12.28 -7.74
CA ALA A 84 26.56 12.18 -8.54
C ALA A 84 25.62 13.39 -8.39
N GLY A 85 25.82 14.18 -7.34
CA GLY A 85 24.85 15.23 -6.97
C GLY A 85 25.47 16.57 -6.67
N GLY A 86 24.69 17.41 -5.99
CA GLY A 86 25.12 18.75 -5.61
C GLY A 86 25.47 18.83 -4.14
N PRO A 87 25.56 20.06 -3.60
CA PRO A 87 25.83 20.23 -2.19
C PRO A 87 24.77 19.55 -1.36
N GLY A 88 25.20 18.80 -0.36
CA GLY A 88 24.29 18.08 0.52
C GLY A 88 23.85 16.72 0.00
N ASP A 89 24.39 16.30 -1.15
CA ASP A 89 24.04 15.00 -1.71
C ASP A 89 25.11 13.94 -1.54
N ALA A 90 26.03 14.16 -0.59
CA ALA A 90 27.07 13.20 -0.29
C ALA A 90 26.49 12.05 0.54
N SER A 91 25.73 11.18 -0.11
CA SER A 91 25.10 10.04 0.54
C SER A 91 24.65 9.00 -0.48
N LEU A 92 24.70 7.73 -0.08
CA LEU A 92 24.11 6.68 -0.90
C LEU A 92 22.61 6.93 -1.11
N GLY A 93 21.93 7.47 -0.09
CA GLY A 93 20.52 7.79 -0.25
C GLY A 93 20.21 8.68 -1.45
N MET A 94 20.98 9.75 -1.58
CA MET A 94 20.78 10.66 -2.71
C MET A 94 21.22 10.04 -4.03
N LEU A 95 22.24 9.20 -4.00
CA LEU A 95 22.64 8.47 -5.21
C LEU A 95 21.50 7.56 -5.66
N PHE A 96 20.90 6.85 -4.71
CA PHE A 96 19.80 5.96 -5.03
C PHE A 96 18.53 6.71 -5.45
N ARG A 97 18.37 7.95 -4.99
CA ARG A 97 17.27 8.79 -5.49
C ARG A 97 17.48 9.11 -6.98
N LYS A 98 18.72 9.39 -7.35
CA LYS A 98 19.06 9.63 -8.76
C LYS A 98 18.74 8.39 -9.59
N LEU A 99 19.08 7.21 -9.06
CA LEU A 99 18.69 5.94 -9.69
C LEU A 99 17.16 5.86 -9.90
N SER A 100 16.38 6.14 -8.86
CA SER A 100 14.92 6.10 -8.99
C SER A 100 14.39 7.01 -10.07
N GLN A 101 15.02 8.17 -10.23
CA GLN A 101 14.53 9.20 -11.15
C GLN A 101 15.09 9.11 -12.57
N LEU A 102 15.89 8.09 -12.86
CA LEU A 102 16.47 7.92 -14.19
C LEU A 102 15.39 7.86 -15.25
N PRO A 103 15.67 8.37 -16.46
CA PRO A 103 14.68 8.20 -17.54
C PRO A 103 14.53 6.72 -17.96
N ALA A 104 15.58 5.93 -17.83
CA ALA A 104 15.52 4.51 -18.12
C ALA A 104 14.72 3.77 -17.07
N VAL A 105 13.95 2.78 -17.51
CA VAL A 105 13.20 1.94 -16.59
C VAL A 105 14.14 0.89 -16.04
N THR A 106 14.21 0.74 -14.72
CA THR A 106 15.15 -0.18 -14.10
C THR A 106 14.45 -1.39 -13.48
N ILE A 107 14.93 -2.58 -13.80
CA ILE A 107 14.37 -3.82 -13.29
C ILE A 107 15.45 -4.51 -12.46
N ALA A 108 15.15 -4.78 -11.20
CA ALA A 108 16.05 -5.53 -10.33
C ALA A 108 15.65 -6.99 -10.34
N LYS A 109 16.57 -7.85 -10.77
CA LYS A 109 16.38 -9.30 -10.79
C LYS A 109 17.21 -9.93 -9.66
N LEU A 110 16.51 -10.40 -8.62
CA LEU A 110 17.17 -10.83 -7.38
C LEU A 110 17.23 -12.34 -7.23
N ARG A 111 18.45 -12.85 -7.16
N ARG A 111 18.42 -12.88 -7.00
CA ARG A 111 18.76 -14.14 -6.55
CA ARG A 111 18.66 -14.32 -6.92
C ARG A 111 19.65 -13.90 -5.37
C ARG A 111 19.42 -14.80 -5.70
N GLY A 112 19.54 -14.76 -4.38
N GLY A 112 19.66 -13.91 -4.75
CA GLY A 112 20.37 -14.65 -3.22
CA GLY A 112 20.44 -14.23 -3.58
C GLY A 112 20.05 -13.41 -2.40
C GLY A 112 20.05 -13.29 -2.47
N ARG A 113 21.01 -13.02 -1.58
CA ARG A 113 20.77 -12.10 -0.49
C ARG A 113 21.06 -10.66 -0.86
N ALA A 114 20.14 -9.78 -0.51
CA ALA A 114 20.32 -8.34 -0.63
C ALA A 114 19.89 -7.75 0.69
N ARG A 115 20.85 -7.20 1.41
CA ARG A 115 20.54 -6.59 2.70
C ARG A 115 21.10 -5.19 2.82
N GLY A 116 20.48 -4.42 3.70
CA GLY A 116 20.97 -3.09 4.01
C GLY A 116 20.89 -2.19 2.79
N ALA A 117 21.99 -1.52 2.48
CA ALA A 117 22.04 -0.70 1.28
C ALA A 117 21.83 -1.54 0.01
N GLY A 118 22.08 -2.85 0.10
CA GLY A 118 21.75 -3.77 -1.00
C GLY A 118 20.26 -3.86 -1.27
N SER A 119 19.47 -3.99 -0.21
CA SER A 119 18.02 -3.93 -0.34
C SER A 119 17.59 -2.55 -0.81
N GLU A 120 18.21 -1.52 -0.26
CA GLU A 120 17.88 -0.14 -0.64
C GLU A 120 18.14 0.12 -2.12
N PHE A 121 19.21 -0.45 -2.69
CA PHE A 121 19.44 -0.36 -4.12
C PHE A 121 18.24 -0.93 -4.89
N LEU A 122 17.80 -2.11 -4.49
CA LEU A 122 16.68 -2.76 -5.16
C LEU A 122 15.40 -1.93 -5.01
N LEU A 123 15.18 -1.39 -3.82
CA LEU A 123 14.02 -0.56 -3.55
C LEU A 123 13.98 0.70 -4.39
N ALA A 124 15.15 1.22 -4.76
CA ALA A 124 15.24 2.42 -5.58
C ALA A 124 14.96 2.13 -7.05
N CYS A 125 15.16 0.88 -7.47
CA CYS A 125 14.83 0.47 -8.83
C CYS A 125 13.31 0.51 -9.02
N ASP A 126 12.88 0.48 -10.27
CA ASP A 126 11.46 0.65 -10.58
C ASP A 126 10.62 -0.57 -10.28
N MET A 127 11.19 -1.76 -10.48
CA MET A 127 10.47 -3.04 -10.36
CA MET A 127 10.45 -2.98 -10.21
C MET A 127 11.44 -4.05 -9.76
N ARG A 128 10.95 -4.95 -8.91
CA ARG A 128 11.75 -6.00 -8.31
C ARG A 128 11.10 -7.35 -8.52
N PHE A 129 11.84 -8.29 -9.10
CA PHE A 129 11.36 -9.68 -9.25
C PHE A 129 12.39 -10.60 -8.63
N ALA A 130 11.93 -11.51 -7.78
CA ALA A 130 12.80 -12.28 -6.90
C ALA A 130 12.59 -13.78 -7.08
N SER A 131 13.70 -14.51 -7.10
CA SER A 131 13.68 -15.97 -7.13
C SER A 131 13.01 -16.56 -5.89
N ARG A 132 11.95 -17.34 -6.11
CA ARG A 132 11.23 -17.94 -4.98
C ARG A 132 12.18 -18.74 -4.11
N GLU A 133 13.05 -19.51 -4.75
CA GLU A 133 13.88 -20.47 -4.03
C GLU A 133 15.05 -19.84 -3.29
N ASN A 134 15.64 -18.76 -3.81
CA ASN A 134 16.89 -18.30 -3.19
CA ASN A 134 16.95 -18.27 -3.36
C ASN A 134 17.00 -16.82 -2.86
N ALA A 135 16.00 -16.00 -3.17
CA ALA A 135 16.08 -14.57 -2.84
C ALA A 135 15.81 -14.33 -1.36
N ILE A 136 16.64 -13.48 -0.75
CA ILE A 136 16.49 -13.11 0.66
C ILE A 136 16.67 -11.60 0.76
N LEU A 137 15.76 -10.94 1.48
CA LEU A 137 15.83 -9.49 1.72
C LEU A 137 15.88 -9.20 3.22
N GLY A 138 16.63 -8.17 3.60
CA GLY A 138 16.63 -7.75 4.99
C GLY A 138 17.19 -6.36 5.20
N GLN A 139 16.80 -5.75 6.30
CA GLN A 139 17.36 -4.47 6.73
C GLN A 139 18.02 -4.65 8.09
N PRO A 140 19.32 -5.02 8.08
CA PRO A 140 20.04 -5.29 9.33
C PRO A 140 20.41 -4.05 10.14
N GLU A 141 20.12 -2.86 9.62
CA GLU A 141 20.63 -1.64 10.24
C GLU A 141 20.23 -1.44 11.71
N VAL A 142 18.95 -1.60 12.04
CA VAL A 142 18.51 -1.35 13.42
C VAL A 142 19.17 -2.34 14.38
N GLY A 143 19.26 -3.60 13.97
CA GLY A 143 19.91 -4.62 14.81
C GLY A 143 21.36 -4.31 15.10
N ILE A 144 22.05 -3.73 14.13
CA ILE A 144 23.43 -3.28 14.33
C ILE A 144 23.43 -2.02 15.21
N GLY A 145 22.52 -1.09 14.93
CA GLY A 145 22.25 0.03 15.82
C GLY A 145 21.93 1.39 15.19
N ALA A 146 21.46 1.40 13.94
CA ALA A 146 21.07 2.65 13.29
C ALA A 146 19.86 2.41 12.40
N PRO A 147 19.05 3.46 12.18
CA PRO A 147 17.98 3.29 11.19
C PRO A 147 18.57 3.23 9.78
N PRO A 148 17.92 2.50 8.87
CA PRO A 148 18.43 2.48 7.49
C PRO A 148 18.62 3.89 6.92
N GLY A 149 19.72 4.11 6.22
CA GLY A 149 20.12 5.44 5.79
C GLY A 149 20.03 5.78 4.32
N ALA A 150 19.66 4.81 3.47
CA ALA A 150 19.69 5.06 2.02
C ALA A 150 18.34 4.83 1.32
N GLY A 151 17.25 4.86 2.08
CA GLY A 151 15.91 4.88 1.50
C GLY A 151 14.96 3.83 2.00
N ALA A 152 15.43 2.84 2.74
CA ALA A 152 14.52 1.79 3.19
C ALA A 152 13.36 2.33 4.02
N ILE A 153 13.62 3.32 4.87
CA ILE A 153 12.54 3.93 5.66
C ILE A 153 11.48 4.52 4.73
N GLN A 154 11.92 5.28 3.73
CA GLN A 154 10.97 5.94 2.84
C GLN A 154 10.23 4.96 1.95
N HIS A 155 10.95 4.02 1.35
CA HIS A 155 10.36 3.09 0.42
C HIS A 155 9.54 2.01 1.12
N LEU A 156 10.08 1.39 2.17
CA LEU A 156 9.32 0.32 2.83
C LEU A 156 8.04 0.84 3.48
N THR A 157 8.08 2.04 4.05
CA THR A 157 6.87 2.55 4.71
C THR A 157 5.76 2.69 3.67
N ARG A 158 6.11 3.17 2.48
CA ARG A 158 5.11 3.35 1.43
C ARG A 158 4.66 2.02 0.83
N LEU A 159 5.60 1.12 0.58
CA LEU A 159 5.28 -0.16 -0.07
C LEU A 159 4.57 -1.14 0.86
N LEU A 160 5.05 -1.21 2.09
CA LEU A 160 4.58 -2.23 3.05
C LEU A 160 3.43 -1.72 3.90
N GLY A 161 3.32 -0.41 4.07
CA GLY A 161 2.42 0.16 5.07
C GLY A 161 3.08 0.16 6.43
N ARG A 162 2.53 0.95 7.33
CA ARG A 162 3.13 1.24 8.62
C ARG A 162 3.45 -0.01 9.44
N GLY A 163 2.49 -0.93 9.57
CA GLY A 163 2.70 -2.07 10.46
C GLY A 163 3.78 -3.00 9.98
N ARG A 164 3.71 -3.37 8.71
CA ARG A 164 4.69 -4.26 8.11
C ARG A 164 6.04 -3.61 7.94
N ALA A 165 6.08 -2.30 7.69
CA ALA A 165 7.37 -1.61 7.64
C ALA A 165 8.04 -1.57 9.02
N LEU A 166 7.27 -1.29 10.07
CA LEU A 166 7.80 -1.35 11.43
C LEU A 166 8.34 -2.76 11.72
N GLU A 167 7.60 -3.78 11.34
CA GLU A 167 8.08 -5.14 11.51
C GLU A 167 9.41 -5.40 10.79
N ALA A 168 9.47 -5.08 9.50
CA ALA A 168 10.67 -5.34 8.72
C ALA A 168 11.88 -4.54 9.24
N VAL A 169 11.68 -3.26 9.50
CA VAL A 169 12.79 -2.41 9.88
C VAL A 169 13.24 -2.63 11.31
N LEU A 170 12.29 -2.75 12.24
CA LEU A 170 12.65 -2.85 13.65
C LEU A 170 13.18 -4.23 14.04
N THR A 171 12.70 -5.30 13.39
CA THR A 171 13.20 -6.65 13.71
C THR A 171 14.51 -6.98 13.03
N SER A 172 14.82 -6.28 11.93
CA SER A 172 16.00 -6.60 11.11
C SER A 172 16.03 -8.06 10.62
N SER A 173 14.86 -8.69 10.54
CA SER A 173 14.76 -10.09 10.17
C SER A 173 14.91 -10.27 8.66
N ASP A 174 15.35 -11.44 8.26
CA ASP A 174 15.41 -11.80 6.84
C ASP A 174 14.04 -12.26 6.33
N PHE A 175 13.72 -11.89 5.10
CA PHE A 175 12.45 -12.23 4.44
C PHE A 175 12.76 -13.03 3.19
N ASP A 176 12.11 -14.18 3.05
CA ASP A 176 12.21 -14.92 1.81
C ASP A 176 11.34 -14.28 0.74
N ALA A 177 11.47 -14.78 -0.48
CA ALA A 177 10.82 -14.14 -1.62
C ALA A 177 9.30 -14.15 -1.48
N ASP A 178 8.74 -15.26 -1.04
CA ASP A 178 7.28 -15.36 -0.93
C ASP A 178 6.74 -14.35 0.09
N LEU A 179 7.40 -14.21 1.22
CA LEU A 179 6.94 -13.28 2.25
C LEU A 179 7.21 -11.85 1.81
N ALA A 180 8.34 -11.64 1.15
CA ALA A 180 8.65 -10.34 0.57
C ALA A 180 7.58 -9.90 -0.42
N GLU A 181 7.10 -10.83 -1.25
CA GLU A 181 6.00 -10.53 -2.17
C GLU A 181 4.71 -10.22 -1.40
N ARG A 182 4.36 -11.05 -0.43
CA ARG A 182 3.14 -10.81 0.35
C ARG A 182 3.17 -9.44 1.01
N TYR A 183 4.34 -9.03 1.46
CA TYR A 183 4.49 -7.74 2.15
C TYR A 183 4.60 -6.56 1.19
N GLY A 184 4.97 -6.83 -0.06
CA GLY A 184 5.09 -5.78 -1.08
C GLY A 184 6.52 -5.25 -1.29
N TRP A 185 7.49 -5.90 -0.68
CA TRP A 185 8.90 -5.52 -0.83
C TRP A 185 9.42 -5.80 -2.24
N VAL A 186 8.90 -6.87 -2.86
CA VAL A 186 9.16 -7.15 -4.27
C VAL A 186 7.84 -7.20 -5.02
N ASN A 187 7.88 -7.01 -6.33
CA ASN A 187 6.66 -7.06 -7.15
C ASN A 187 6.08 -8.45 -7.14
N ARG A 188 6.95 -9.40 -7.43
CA ARG A 188 6.58 -10.80 -7.52
C ARG A 188 7.75 -11.72 -7.22
N ALA A 189 7.42 -12.87 -6.64
CA ALA A 189 8.33 -13.98 -6.50
C ALA A 189 8.05 -14.91 -7.66
N VAL A 190 9.12 -15.34 -8.31
CA VAL A 190 9.08 -16.11 -9.54
C VAL A 190 9.95 -17.35 -9.37
N PRO A 191 9.48 -18.52 -9.84
CA PRO A 191 10.39 -19.66 -9.76
C PRO A 191 11.75 -19.35 -10.40
N ASP A 192 12.82 -19.84 -9.78
CA ASP A 192 14.16 -19.52 -10.22
C ASP A 192 14.40 -19.88 -11.70
N ALA A 193 13.85 -21.02 -12.11
CA ALA A 193 14.01 -21.51 -13.49
C ALA A 193 13.28 -20.65 -14.53
N GLU A 194 12.33 -19.82 -14.08
CA GLU A 194 11.55 -18.95 -14.96
C GLU A 194 11.97 -17.47 -14.86
N LEU A 195 12.79 -17.13 -13.88
CA LEU A 195 13.05 -15.73 -13.56
C LEU A 195 13.72 -14.96 -14.70
N ASP A 196 14.75 -15.54 -15.32
CA ASP A 196 15.48 -14.86 -16.38
C ASP A 196 14.56 -14.56 -17.57
N GLU A 197 13.79 -15.55 -18.00
CA GLU A 197 12.86 -15.38 -19.13
C GLU A 197 11.75 -14.40 -18.80
N PHE A 198 11.26 -14.44 -17.57
CA PHE A 198 10.22 -13.53 -17.12
C PHE A 198 10.71 -12.10 -17.24
N VAL A 199 11.86 -11.81 -16.63
CA VAL A 199 12.42 -10.47 -16.65
C VAL A 199 12.76 -10.03 -18.08
N ALA A 200 13.30 -10.94 -18.89
CA ALA A 200 13.61 -10.62 -20.27
C ALA A 200 12.36 -10.20 -21.04
N GLY A 201 11.24 -10.88 -20.78
CA GLY A 201 9.97 -10.58 -21.43
C GLY A 201 9.45 -9.19 -21.09
N ILE A 202 9.52 -8.85 -19.80
CA ILE A 202 9.14 -7.53 -19.29
C ILE A 202 9.95 -6.44 -19.99
N ALA A 203 11.27 -6.63 -20.03
CA ALA A 203 12.15 -5.67 -20.66
C ALA A 203 11.85 -5.55 -22.16
N ALA A 204 11.59 -6.69 -22.78
CA ALA A 204 11.30 -6.73 -24.22
C ALA A 204 10.03 -5.95 -24.56
N ARG A 205 9.01 -6.06 -23.70
CA ARG A 205 7.77 -5.27 -23.85
C ARG A 205 8.14 -3.80 -24.04
N MET A 206 8.81 -3.27 -23.03
CA MET A 206 9.01 -1.86 -22.94
C MET A 206 10.00 -1.37 -24.00
N SER A 207 10.83 -2.28 -24.51
CA SER A 207 11.88 -1.95 -25.50
C SER A 207 11.37 -1.25 -26.76
N GLY A 208 10.14 -1.57 -27.18
CA GLY A 208 9.56 -0.99 -28.36
C GLY A 208 8.58 0.14 -28.13
N PHE A 209 8.42 0.57 -26.87
CA PHE A 209 7.40 1.58 -26.55
C PHE A 209 7.99 2.99 -26.71
N PRO A 210 7.15 3.98 -27.05
CA PRO A 210 7.65 5.34 -27.22
C PRO A 210 8.36 5.86 -25.98
N ARG A 211 9.54 6.44 -26.19
CA ARG A 211 10.39 6.90 -25.10
C ARG A 211 9.68 7.93 -24.23
N ASP A 212 8.99 8.87 -24.86
CA ASP A 212 8.33 9.94 -24.12
C ASP A 212 7.19 9.46 -23.24
N ALA A 213 6.47 8.44 -23.69
CA ALA A 213 5.39 7.86 -22.89
C ALA A 213 5.95 7.16 -21.65
N LEU A 214 7.02 6.39 -21.82
CA LEU A 214 7.67 5.70 -20.69
C LEU A 214 8.13 6.74 -19.66
N ILE A 215 8.82 7.77 -20.12
CA ILE A 215 9.38 8.78 -19.24
C ILE A 215 8.27 9.57 -18.54
N ALA A 216 7.24 9.95 -19.29
CA ALA A 216 6.14 10.75 -18.76
C ALA A 216 5.43 9.99 -17.65
N ALA A 217 5.11 8.72 -17.90
CA ALA A 217 4.40 7.92 -16.93
C ALA A 217 5.26 7.66 -15.70
N LYS A 218 6.53 7.31 -15.90
CA LYS A 218 7.42 7.04 -14.77
C LYS A 218 7.58 8.27 -13.90
N SER A 219 7.77 9.42 -14.52
CA SER A 219 7.98 10.66 -13.78
CA SER A 219 7.98 10.66 -13.78
C SER A 219 6.75 10.99 -12.92
N ALA A 220 5.56 10.77 -13.47
CA ALA A 220 4.34 11.10 -12.73
C ALA A 220 4.13 10.16 -11.54
N ILE A 221 4.44 8.88 -11.74
CA ILE A 221 4.38 7.90 -10.68
C ILE A 221 5.41 8.21 -9.59
N ASN A 222 6.64 8.53 -9.98
CA ASN A 222 7.69 8.92 -9.03
C ASN A 222 7.29 10.14 -8.19
N ALA A 223 6.63 11.09 -8.82
CA ALA A 223 6.22 12.29 -8.10
C ALA A 223 5.28 11.97 -6.94
N ILE A 224 4.43 10.97 -7.10
CA ILE A 224 3.50 10.60 -6.06
C ILE A 224 4.19 9.81 -4.94
N SER A 225 5.18 9.00 -5.31
CA SER A 225 5.63 7.89 -4.48
C SER A 225 7.05 7.99 -3.95
N LEU A 226 7.80 9.00 -4.36
CA LEU A 226 9.14 9.23 -3.80
C LEU A 226 9.08 10.29 -2.72
N PRO A 227 9.97 10.19 -1.73
CA PRO A 227 10.10 11.25 -0.73
C PRO A 227 10.68 12.52 -1.33
N ALA A 228 10.58 13.63 -0.61
CA ALA A 228 11.31 14.85 -0.98
C ALA A 228 12.80 14.68 -0.70
N PRO A 229 13.64 15.40 -1.44
CA PRO A 229 15.08 15.30 -1.18
C PRO A 229 15.46 15.59 0.28
N ALA A 230 14.81 16.54 0.95
CA ALA A 230 15.14 16.84 2.34
C ALA A 230 14.97 15.61 3.24
N GLU A 231 13.94 14.82 2.98
CA GLU A 231 13.69 13.61 3.74
C GLU A 231 14.78 12.56 3.46
N VAL A 232 15.25 12.48 2.22
CA VAL A 232 16.35 11.55 1.89
C VAL A 232 17.62 11.96 2.63
N ARG A 233 17.89 13.27 2.64
CA ARG A 233 19.08 13.78 3.32
C ARG A 233 18.99 13.58 4.82
N ALA A 234 17.80 13.77 5.38
CA ALA A 234 17.61 13.57 6.82
C ALA A 234 17.82 12.10 7.21
N ASP A 235 17.31 11.19 6.39
CA ASP A 235 17.51 9.74 6.65
C ASP A 235 19.00 9.42 6.70
N ALA A 236 19.74 9.94 5.72
CA ALA A 236 21.18 9.71 5.63
C ALA A 236 21.93 10.28 6.83
N ALA A 237 21.55 11.49 7.24
CA ALA A 237 22.28 12.19 8.30
C ALA A 237 22.27 11.34 9.56
N LEU A 238 21.07 10.90 9.91
CA LEU A 238 20.83 10.11 11.10
C LEU A 238 21.59 8.77 11.08
N PHE A 239 21.59 8.08 9.94
CA PHE A 239 22.38 6.87 9.82
C PHE A 239 23.90 7.10 10.00
N GLN A 240 24.43 8.12 9.34
CA GLN A 240 25.87 8.40 9.36
C GLN A 240 26.34 8.74 10.77
N GLN A 241 25.46 9.31 11.60
CA GLN A 241 25.87 9.62 12.96
C GLN A 241 25.82 8.40 13.88
N LEU A 242 24.79 7.56 13.74
CA LEU A 242 24.65 6.39 14.61
C LEU A 242 25.68 5.31 14.29
N VAL A 243 26.11 5.21 13.03
CA VAL A 243 27.15 4.24 12.69
C VAL A 243 28.48 4.55 13.37
N ARG A 244 28.57 5.72 14.01
CA ARG A 244 29.76 6.14 14.74
C ARG A 244 29.57 6.19 16.26
N GLY A 245 28.35 5.95 16.74
CA GLY A 245 28.06 5.84 18.17
C GLY A 245 28.64 4.56 18.76
N GLU A 246 28.74 4.50 20.08
CA GLU A 246 29.45 3.40 20.76
C GLU A 246 28.82 2.02 20.50
N LYS A 247 27.49 1.96 20.55
CA LYS A 247 26.79 0.69 20.37
C LYS A 247 27.01 0.10 18.98
N VAL A 248 26.94 0.93 17.94
CA VAL A 248 27.21 0.41 16.60
C VAL A 248 28.67 -0.04 16.48
N GLN A 249 29.59 0.73 17.04
CA GLN A 249 30.99 0.34 16.96
C GLN A 249 31.22 -1.00 17.68
N GLN A 250 30.63 -1.17 18.85
CA GLN A 250 30.81 -2.41 19.63
C GLN A 250 30.16 -3.60 18.91
N ARG A 251 28.96 -3.41 18.39
CA ARG A 251 28.23 -4.50 17.76
C ARG A 251 28.86 -4.89 16.41
N THR A 252 29.35 -3.89 15.68
CA THR A 252 30.08 -4.16 14.46
C THR A 252 31.34 -4.96 14.73
N ALA A 253 32.07 -4.57 15.78
CA ALA A 253 33.27 -5.31 16.18
C ALA A 253 32.94 -6.75 16.54
N GLU A 254 31.86 -6.96 17.28
CA GLU A 254 31.44 -8.32 17.60
C GLU A 254 31.11 -9.12 16.33
N LEU A 255 30.39 -8.48 15.41
CA LEU A 255 30.08 -9.13 14.14
C LEU A 255 31.34 -9.51 13.37
N PHE A 256 32.32 -8.60 13.29
CA PHE A 256 33.59 -8.94 12.63
C PHE A 256 34.28 -10.15 13.27
N LYS A 257 34.20 -10.26 14.60
CA LYS A 257 34.79 -11.38 15.33
C LYS A 257 34.21 -12.73 14.87
N GLN A 258 32.93 -12.71 14.51
CA GLN A 258 32.19 -13.91 14.11
CA GLN A 258 32.21 -13.94 14.11
C GLN A 258 32.18 -14.17 12.59
N GLY A 259 32.80 -13.29 11.82
CA GLY A 259 32.96 -13.46 10.37
C GLY A 259 32.19 -12.52 9.44
N PHE A 260 31.68 -11.41 9.98
CA PHE A 260 31.08 -10.34 9.17
C PHE A 260 32.06 -9.95 8.07
N GLN A 261 31.51 -9.68 6.87
CA GLN A 261 32.29 -9.34 5.67
C GLN A 261 33.24 -10.44 5.21
N THR A 262 32.83 -11.67 5.50
CA THR A 262 33.39 -12.87 4.85
C THR A 262 32.23 -13.76 4.43
N ARG A 263 32.49 -14.70 3.52
CA ARG A 263 31.42 -15.57 3.05
C ARG A 263 31.29 -16.73 4.00
N GLY A 264 30.57 -16.49 5.07
CA GLY A 264 30.32 -17.49 6.10
C GLY A 264 28.92 -17.34 6.67
N ALA A 265 28.68 -18.00 7.80
CA ALA A 265 27.33 -18.08 8.35
C ALA A 265 26.75 -16.71 8.75
N THR A 266 27.60 -15.84 9.28
CA THR A 266 27.15 -14.53 9.73
C THR A 266 26.54 -13.76 8.56
N GLU A 267 27.22 -13.75 7.41
CA GLU A 267 26.69 -13.02 6.24
C GLU A 267 25.59 -13.79 5.51
N LEU A 268 25.69 -15.12 5.44
CA LEU A 268 24.64 -15.87 4.78
C LEU A 268 23.31 -15.74 5.50
N ASP A 269 23.36 -15.64 6.83
CA ASP A 269 22.15 -15.55 7.65
C ASP A 269 22.26 -14.39 8.64
N LEU A 270 22.51 -13.19 8.11
CA LEU A 270 22.76 -12.04 8.95
C LEU A 270 21.58 -11.67 9.84
N GLY A 271 20.36 -11.81 9.33
CA GLY A 271 19.18 -11.54 10.14
C GLY A 271 19.18 -12.31 11.46
N ASP A 272 19.45 -13.61 11.35
CA ASP A 272 19.53 -14.46 12.52
C ASP A 272 20.68 -14.07 13.45
N ALA A 273 21.85 -13.79 12.86
CA ALA A 273 23.04 -13.41 13.63
C ALA A 273 22.76 -12.22 14.54
N LEU A 274 22.01 -11.24 14.03
CA LEU A 274 21.74 -10.03 14.80
C LEU A 274 20.93 -10.30 16.06
N GLY A 275 19.95 -11.19 15.95
CA GLY A 275 19.07 -11.51 17.07
C GLY A 275 19.79 -12.14 18.24
N HIS A 276 20.95 -12.73 17.99
CA HIS A 276 21.74 -13.39 19.02
C HIS A 276 22.81 -12.51 19.65
N LEU A 277 23.04 -11.30 19.12
CA LEU A 277 23.95 -10.36 19.77
C LEU A 277 23.36 -9.92 21.11
N LYS A 278 24.19 -9.97 22.15
CA LYS A 278 23.77 -9.59 23.49
C LYS A 278 23.93 -8.09 23.72
N ALA A 279 22.93 -7.46 24.33
CA ALA A 279 23.00 -6.03 24.66
C ALA A 279 24.06 -5.79 25.74
N TYR B 7 -31.20 5.63 -20.31
CA TYR B 7 -30.18 6.27 -21.19
C TYR B 7 -29.88 5.41 -22.41
N GLU B 8 -29.36 6.04 -23.47
CA GLU B 8 -28.95 5.30 -24.65
C GLU B 8 -27.95 4.17 -24.34
N THR B 9 -26.98 4.44 -23.47
CA THR B 9 -25.87 3.52 -23.24
C THR B 9 -25.82 2.96 -21.82
N ILE B 10 -26.78 3.33 -20.98
CA ILE B 10 -26.78 2.84 -19.59
C ILE B 10 -28.20 2.42 -19.26
N LYS B 11 -28.35 1.13 -18.98
CA LYS B 11 -29.65 0.57 -18.62
C LYS B 11 -29.70 0.48 -17.11
N ALA B 12 -30.74 1.06 -16.53
CA ALA B 12 -30.83 1.26 -15.09
C ALA B 12 -32.03 0.50 -14.55
N ARG B 13 -31.83 -0.24 -13.46
CA ARG B 13 -32.90 -0.91 -12.73
C ARG B 13 -32.69 -0.57 -11.27
N LEU B 14 -33.73 -0.06 -10.64
CA LEU B 14 -33.65 0.39 -9.26
C LEU B 14 -34.39 -0.61 -8.39
N ASP B 15 -33.65 -1.27 -7.49
CA ASP B 15 -34.21 -2.20 -6.53
C ASP B 15 -34.03 -1.63 -5.12
N GLY B 16 -35.03 -0.90 -4.65
CA GLY B 16 -34.98 -0.23 -3.35
C GLY B 16 -34.08 1.00 -3.37
N THR B 17 -33.01 0.97 -2.58
CA THR B 17 -32.02 2.04 -2.58
C THR B 17 -30.75 1.58 -3.29
N VAL B 18 -30.85 0.50 -4.10
CA VAL B 18 -29.72 0.02 -4.91
C VAL B 18 -30.02 0.09 -6.42
N LEU B 19 -29.27 0.94 -7.10
CA LEU B 19 -29.35 1.06 -8.56
C LEU B 19 -28.37 0.13 -9.23
N SER B 20 -28.84 -0.63 -10.21
CA SER B 20 -27.97 -1.41 -11.07
C SER B 20 -27.90 -0.68 -12.40
N ALA B 21 -26.71 -0.17 -12.72
CA ALA B 21 -26.47 0.56 -13.95
C ALA B 21 -25.58 -0.29 -14.84
N THR B 22 -26.11 -0.68 -16.00
CA THR B 22 -25.41 -1.58 -16.93
C THR B 22 -25.01 -0.84 -18.19
N PHE B 23 -23.71 -0.77 -18.47
CA PHE B 23 -23.22 -0.18 -19.72
C PHE B 23 -23.50 -1.10 -20.90
N ASN B 24 -24.24 -0.56 -21.86
CA ASN B 24 -24.67 -1.29 -23.05
C ASN B 24 -24.57 -0.33 -24.22
N ALA B 25 -23.37 -0.29 -24.81
CA ALA B 25 -23.05 0.60 -25.91
C ALA B 25 -22.46 -0.24 -27.05
N PRO B 26 -23.31 -1.03 -27.71
CA PRO B 26 -22.79 -1.80 -28.82
C PRO B 26 -22.20 -0.88 -29.88
N PRO B 27 -21.27 -1.40 -30.68
CA PRO B 27 -20.93 -2.82 -30.81
C PRO B 27 -20.05 -3.46 -29.73
N MET B 28 -19.20 -2.68 -29.06
CA MET B 28 -18.23 -3.28 -28.13
C MET B 28 -17.91 -2.42 -26.92
N ASN B 29 -18.81 -1.52 -26.55
CA ASN B 29 -18.67 -0.71 -25.34
C ASN B 29 -17.43 0.18 -25.33
N LEU B 30 -16.97 0.65 -26.48
CA LEU B 30 -15.95 1.72 -26.46
C LEU B 30 -16.48 2.92 -25.65
N ILE B 31 -15.60 3.59 -24.91
CA ILE B 31 -15.97 4.82 -24.26
C ILE B 31 -15.93 5.93 -25.30
N GLY B 32 -17.10 6.28 -25.82
CA GLY B 32 -17.25 7.40 -26.73
C GLY B 32 -18.12 8.50 -26.17
N PRO B 33 -18.51 9.46 -27.01
CA PRO B 33 -19.25 10.61 -26.51
C PRO B 33 -20.61 10.26 -25.88
N GLU B 34 -21.28 9.23 -26.37
CA GLU B 34 -22.60 8.87 -25.84
C GLU B 34 -22.47 8.25 -24.46
N VAL B 35 -21.51 7.33 -24.29
CA VAL B 35 -21.23 6.76 -22.98
C VAL B 35 -20.89 7.88 -21.98
N VAL B 36 -20.01 8.79 -22.38
CA VAL B 36 -19.64 9.89 -21.50
C VAL B 36 -20.83 10.81 -21.16
N ARG B 37 -21.57 11.24 -22.19
CA ARG B 37 -22.78 12.05 -22.01
C ARG B 37 -23.75 11.41 -21.01
N ASP B 38 -24.00 10.12 -21.18
CA ASP B 38 -24.95 9.43 -20.32
C ASP B 38 -24.40 9.28 -18.89
N LEU B 39 -23.10 9.05 -18.76
CA LEU B 39 -22.48 9.02 -17.43
C LEU B 39 -22.60 10.38 -16.75
N VAL B 40 -22.36 11.47 -17.49
CA VAL B 40 -22.52 12.81 -16.95
C VAL B 40 -23.95 13.00 -16.41
N ALA B 41 -24.94 12.60 -17.19
CA ALA B 41 -26.34 12.73 -16.77
C ALA B 41 -26.65 11.86 -15.56
N LEU B 42 -26.11 10.64 -15.53
CA LEU B 42 -26.33 9.75 -14.39
C LEU B 42 -25.73 10.35 -13.13
N LEU B 43 -24.52 10.89 -13.21
CA LEU B 43 -23.91 11.47 -12.02
C LEU B 43 -24.74 12.64 -11.48
N GLU B 44 -25.33 13.42 -12.37
CA GLU B 44 -26.17 14.54 -11.97
C GLU B 44 -27.37 14.02 -11.17
N GLU B 45 -27.99 12.94 -11.65
CA GLU B 45 -29.13 12.34 -10.96
C GLU B 45 -28.76 11.77 -9.59
N LEU B 46 -27.57 11.18 -9.51
CA LEU B 46 -27.14 10.51 -8.28
C LEU B 46 -26.68 11.49 -7.19
N ALA B 47 -26.62 12.78 -7.53
CA ALA B 47 -26.32 13.82 -6.55
C ALA B 47 -27.57 14.27 -5.77
N HIS B 48 -28.75 13.84 -6.21
CA HIS B 48 -30.01 14.21 -5.55
C HIS B 48 -30.13 13.61 -4.13
N PRO B 49 -30.66 14.39 -3.17
CA PRO B 49 -30.79 13.91 -1.78
C PRO B 49 -31.48 12.54 -1.58
N THR B 50 -32.46 12.22 -2.42
CA THR B 50 -33.19 10.95 -2.35
C THR B 50 -32.77 9.94 -3.42
N ALA B 51 -31.63 10.18 -4.07
CA ALA B 51 -31.08 9.19 -5.01
C ALA B 51 -30.70 7.91 -4.27
N PRO B 52 -30.54 6.80 -5.01
CA PRO B 52 -30.05 5.55 -4.42
C PRO B 52 -28.75 5.76 -3.62
N ARG B 53 -28.62 5.07 -2.47
CA ARG B 53 -27.41 5.10 -1.62
C ARG B 53 -26.23 4.42 -2.32
N VAL B 54 -26.55 3.45 -3.18
CA VAL B 54 -25.56 2.54 -3.75
C VAL B 54 -25.85 2.29 -5.22
N VAL B 55 -24.80 2.31 -6.04
CA VAL B 55 -24.89 1.98 -7.47
CA VAL B 55 -24.92 1.96 -7.45
C VAL B 55 -23.92 0.86 -7.78
N ILE B 56 -24.41 -0.20 -8.43
CA ILE B 56 -23.60 -1.28 -8.93
C ILE B 56 -23.45 -1.08 -10.43
N PHE B 57 -22.21 -1.01 -10.91
CA PHE B 57 -21.94 -0.87 -12.32
C PHE B 57 -21.49 -2.20 -12.89
N ASP B 58 -22.08 -2.58 -14.02
CA ASP B 58 -21.69 -3.77 -14.75
C ASP B 58 -21.81 -3.52 -16.24
N SER B 59 -21.52 -4.52 -17.05
CA SER B 59 -21.52 -4.41 -18.49
C SER B 59 -22.41 -5.47 -19.12
N ALA B 60 -23.12 -5.08 -20.18
CA ALA B 60 -23.91 -6.01 -20.99
C ALA B 60 -23.09 -6.73 -22.05
N ASP B 61 -21.85 -6.30 -22.27
CA ASP B 61 -21.04 -6.85 -23.35
C ASP B 61 -20.44 -8.18 -22.94
N ALA B 62 -20.40 -9.13 -23.87
CA ALA B 62 -19.95 -10.49 -23.60
C ALA B 62 -18.49 -10.60 -23.15
N ASP B 63 -17.65 -9.70 -23.65
CA ASP B 63 -16.20 -9.82 -23.55
C ASP B 63 -15.54 -8.62 -22.90
N PHE B 64 -16.24 -7.49 -22.86
CA PHE B 64 -15.67 -6.25 -22.36
C PHE B 64 -16.53 -5.57 -21.32
N PHE B 65 -15.88 -4.85 -20.43
CA PHE B 65 -16.54 -3.84 -19.62
C PHE B 65 -16.49 -2.57 -20.49
N PHE B 66 -15.31 -1.98 -20.64
CA PHE B 66 -15.01 -1.02 -21.71
C PHE B 66 -13.64 -1.42 -22.28
N PRO B 67 -13.49 -1.54 -23.62
CA PRO B 67 -12.18 -1.89 -24.15
C PRO B 67 -11.11 -0.83 -23.93
N HIS B 68 -11.55 0.44 -23.96
CA HIS B 68 -10.72 1.65 -23.90
C HIS B 68 -11.57 2.79 -24.49
N VAL B 69 -11.02 4.00 -24.58
CA VAL B 69 -11.74 5.11 -25.22
C VAL B 69 -11.77 4.91 -26.73
N ASP B 70 -12.79 5.48 -27.37
CA ASP B 70 -12.85 5.49 -28.83
C ASP B 70 -11.80 6.45 -29.35
N MET B 71 -10.74 5.90 -29.95
CA MET B 71 -9.61 6.68 -30.44
C MET B 71 -9.93 7.55 -31.65
N THR B 72 -11.13 7.40 -32.18
CA THR B 72 -11.61 8.23 -33.29
C THR B 72 -12.47 9.38 -32.82
N LYS B 73 -12.72 9.49 -31.51
CA LYS B 73 -13.61 10.50 -30.97
C LYS B 73 -13.06 11.19 -29.72
N VAL B 74 -11.74 11.37 -29.63
CA VAL B 74 -11.14 11.97 -28.43
C VAL B 74 -11.67 13.40 -28.18
N PRO B 75 -11.68 14.27 -29.19
CA PRO B 75 -12.23 15.60 -28.93
C PRO B 75 -13.70 15.56 -28.51
N GLU B 76 -14.48 14.71 -29.16
CA GLU B 76 -15.90 14.62 -28.91
C GLU B 76 -16.23 14.12 -27.50
N TYR B 77 -15.59 13.04 -27.06
CA TYR B 77 -15.91 12.53 -25.71
C TYR B 77 -15.36 13.49 -24.67
N THR B 78 -14.25 14.16 -24.99
CA THR B 78 -13.69 15.17 -24.06
C THR B 78 -14.68 16.32 -23.85
N ALA B 79 -15.30 16.79 -24.92
CA ALA B 79 -16.28 17.85 -24.84
C ALA B 79 -17.50 17.43 -24.02
N GLU B 80 -17.92 16.17 -24.15
CA GLU B 80 -19.02 15.68 -23.31
C GLU B 80 -18.60 15.67 -21.82
N ALA B 81 -17.38 15.19 -21.57
CA ALA B 81 -16.89 15.13 -20.19
C ALA B 81 -16.84 16.49 -19.53
N ALA B 82 -16.51 17.52 -20.30
CA ALA B 82 -16.39 18.90 -19.82
C ALA B 82 -17.68 19.39 -19.18
N LYS B 83 -18.82 18.89 -19.66
CA LYS B 83 -20.13 19.37 -19.20
C LYS B 83 -20.42 19.03 -17.74
N ALA B 84 -19.67 18.09 -17.15
CA ALA B 84 -19.85 17.70 -15.75
C ALA B 84 -19.17 18.64 -14.75
N GLY B 85 -18.27 19.48 -15.25
CA GLY B 85 -17.40 20.26 -14.37
C GLY B 85 -17.41 21.75 -14.67
N GLY B 86 -16.39 22.43 -14.19
CA GLY B 86 -16.24 23.87 -14.36
C GLY B 86 -15.04 24.18 -15.25
N PRO B 87 -14.60 25.43 -15.26
CA PRO B 87 -13.47 25.83 -16.07
C PRO B 87 -12.24 25.03 -15.70
N GLY B 88 -11.54 24.50 -16.71
CA GLY B 88 -10.38 23.66 -16.47
C GLY B 88 -10.65 22.18 -16.39
N ASP B 89 -11.92 21.76 -16.45
CA ASP B 89 -12.32 20.38 -16.22
C ASP B 89 -12.69 19.62 -17.50
N ALA B 90 -12.23 20.10 -18.64
CA ALA B 90 -12.53 19.46 -19.92
C ALA B 90 -11.61 18.26 -20.11
N SER B 91 -11.93 17.20 -19.38
CA SER B 91 -11.18 15.94 -19.44
C SER B 91 -12.01 14.80 -18.88
N LEU B 92 -11.79 13.61 -19.41
CA LEU B 92 -12.35 12.40 -18.83
C LEU B 92 -11.84 12.22 -17.40
N GLY B 93 -10.59 12.60 -17.16
CA GLY B 93 -10.03 12.55 -15.80
C GLY B 93 -10.82 13.31 -14.76
N MET B 94 -11.23 14.53 -15.09
CA MET B 94 -12.04 15.29 -14.12
C MET B 94 -13.47 14.74 -14.00
N LEU B 95 -14.01 14.16 -15.06
CA LEU B 95 -15.29 13.45 -14.92
C LEU B 95 -15.16 12.26 -13.97
N PHE B 96 -14.08 11.50 -14.09
CA PHE B 96 -13.87 10.34 -13.21
C PHE B 96 -13.58 10.78 -11.77
N ARG B 97 -13.00 11.98 -11.59
CA ARG B 97 -12.86 12.52 -10.23
C ARG B 97 -14.24 12.80 -9.62
N LYS B 98 -15.15 13.37 -10.41
CA LYS B 98 -16.50 13.61 -9.93
C LYS B 98 -17.19 12.28 -9.59
N LEU B 99 -16.95 11.25 -10.39
CA LEU B 99 -17.46 9.91 -10.07
C LEU B 99 -16.93 9.44 -8.71
N SER B 100 -15.64 9.62 -8.46
CA SER B 100 -15.05 9.18 -7.20
C SER B 100 -15.66 9.89 -5.99
N GLN B 101 -16.06 11.14 -6.18
CA GLN B 101 -16.58 11.98 -5.09
C GLN B 101 -18.11 11.92 -4.95
N LEU B 102 -18.76 11.08 -5.74
CA LEU B 102 -20.21 10.98 -5.76
C LEU B 102 -20.75 10.63 -4.36
N PRO B 103 -21.92 11.19 -3.98
CA PRO B 103 -22.48 10.79 -2.69
C PRO B 103 -22.90 9.32 -2.61
N ALA B 104 -23.34 8.75 -3.74
CA ALA B 104 -23.66 7.33 -3.82
C ALA B 104 -22.40 6.49 -3.77
N VAL B 105 -22.45 5.39 -3.03
CA VAL B 105 -21.38 4.39 -3.00
C VAL B 105 -21.41 3.65 -4.32
N THR B 106 -20.27 3.55 -4.99
CA THR B 106 -20.21 2.91 -6.30
C THR B 106 -19.42 1.61 -6.23
N ILE B 107 -19.99 0.55 -6.78
CA ILE B 107 -19.33 -0.76 -6.81
C ILE B 107 -19.19 -1.17 -8.27
N ALA B 108 -17.97 -1.45 -8.70
CA ALA B 108 -17.70 -1.96 -10.04
C ALA B 108 -17.61 -3.48 -10.00
N LYS B 109 -18.47 -4.14 -10.79
CA LYS B 109 -18.51 -5.59 -10.89
C LYS B 109 -17.98 -5.99 -12.27
N LEU B 110 -16.79 -6.56 -12.29
CA LEU B 110 -16.05 -6.81 -13.53
C LEU B 110 -16.04 -8.26 -13.96
N ARG B 111 -16.59 -8.48 -15.16
N ARG B 111 -16.44 -8.50 -15.22
CA ARG B 111 -16.29 -9.65 -15.97
CA ARG B 111 -16.64 -9.85 -15.76
C ARG B 111 -15.67 -9.13 -17.25
C ARG B 111 -15.96 -10.11 -17.11
N GLY B 112 -14.86 -9.98 -17.87
N GLY B 112 -15.13 -9.18 -17.55
CA GLY B 112 -14.26 -9.62 -19.13
CA GLY B 112 -14.53 -9.25 -18.87
C GLY B 112 -13.28 -8.47 -18.97
C GLY B 112 -13.31 -8.35 -18.90
N ARG B 113 -12.99 -7.84 -20.09
CA ARG B 113 -11.83 -6.96 -20.23
C ARG B 113 -12.18 -5.51 -19.96
N ALA B 114 -11.35 -4.87 -19.15
CA ALA B 114 -11.44 -3.44 -18.91
C ALA B 114 -10.04 -2.90 -19.05
N ARG B 115 -9.80 -2.13 -20.09
CA ARG B 115 -8.49 -1.57 -20.34
C ARG B 115 -8.53 -0.07 -20.55
N GLY B 116 -7.40 0.56 -20.20
CA GLY B 116 -7.23 1.98 -20.44
C GLY B 116 -8.19 2.78 -19.59
N ALA B 117 -8.97 3.66 -20.22
CA ALA B 117 -9.97 4.41 -19.48
C ALA B 117 -11.06 3.50 -18.91
N GLY B 118 -11.17 2.29 -19.45
CA GLY B 118 -12.06 1.27 -18.91
C GLY B 118 -11.62 0.84 -17.52
N SER B 119 -10.32 0.59 -17.38
CA SER B 119 -9.75 0.32 -16.06
C SER B 119 -9.86 1.56 -15.16
N GLU B 120 -9.60 2.73 -15.73
CA GLU B 120 -9.69 4.00 -14.97
C GLU B 120 -11.09 4.24 -14.44
N PHE B 121 -12.13 3.86 -15.18
CA PHE B 121 -13.50 3.98 -14.69
C PHE B 121 -13.65 3.12 -13.41
N LEU B 122 -13.22 1.87 -13.48
CA LEU B 122 -13.28 0.98 -12.32
C LEU B 122 -12.48 1.55 -11.14
N LEU B 123 -11.29 2.09 -11.42
CA LEU B 123 -10.42 2.64 -10.38
C LEU B 123 -11.05 3.85 -9.68
N ALA B 124 -11.90 4.59 -10.39
CA ALA B 124 -12.57 5.76 -9.85
C ALA B 124 -13.75 5.38 -8.96
N CYS B 125 -14.30 4.19 -9.18
CA CYS B 125 -15.38 3.68 -8.33
C CYS B 125 -14.82 3.36 -6.95
N ASP B 126 -15.72 3.17 -5.99
CA ASP B 126 -15.28 2.98 -4.60
C ASP B 126 -14.73 1.60 -4.28
N MET B 127 -15.28 0.57 -4.91
CA MET B 127 -14.87 -0.81 -4.69
C MET B 127 -14.92 -1.54 -6.02
N ARG B 128 -14.02 -2.51 -6.17
CA ARG B 128 -13.92 -3.33 -7.39
C ARG B 128 -13.91 -4.80 -7.04
N PHE B 129 -14.84 -5.57 -7.61
CA PHE B 129 -14.87 -7.01 -7.42
C PHE B 129 -14.87 -7.65 -8.79
N ALA B 130 -13.99 -8.63 -8.98
CA ALA B 130 -13.72 -9.17 -10.32
C ALA B 130 -13.91 -10.68 -10.39
N SER B 131 -14.46 -11.14 -11.51
CA SER B 131 -14.59 -12.57 -11.77
C SER B 131 -13.23 -13.23 -11.95
N ARG B 132 -12.94 -14.24 -11.11
CA ARG B 132 -11.67 -14.93 -11.18
C ARG B 132 -11.41 -15.49 -12.58
N GLU B 133 -12.44 -16.09 -13.18
CA GLU B 133 -12.28 -16.79 -14.43
C GLU B 133 -12.14 -15.89 -15.66
N ASN B 134 -12.77 -14.72 -15.67
CA ASN B 134 -12.83 -13.96 -16.92
CA ASN B 134 -13.02 -13.92 -16.88
C ASN B 134 -12.49 -12.48 -16.86
N ALA B 135 -12.25 -11.93 -15.68
CA ALA B 135 -11.86 -10.51 -15.59
C ALA B 135 -10.41 -10.28 -16.04
N ILE B 136 -10.21 -9.26 -16.86
CA ILE B 136 -8.87 -8.89 -17.34
C ILE B 136 -8.74 -7.39 -17.22
N LEU B 137 -7.63 -6.93 -16.66
CA LEU B 137 -7.34 -5.51 -16.52
C LEU B 137 -6.03 -5.16 -17.20
N GLY B 138 -5.99 -3.97 -17.80
CA GLY B 138 -4.75 -3.49 -18.38
C GLY B 138 -4.73 -2.01 -18.63
N GLN B 139 -3.52 -1.46 -18.72
CA GLN B 139 -3.33 -0.06 -19.08
C GLN B 139 -2.48 0.00 -20.36
N PRO B 140 -3.12 -0.13 -21.52
CA PRO B 140 -2.42 -0.14 -22.80
C PRO B 140 -1.86 1.23 -23.25
N GLU B 141 -2.09 2.29 -22.48
CA GLU B 141 -1.77 3.64 -22.94
C GLU B 141 -0.29 3.83 -23.29
N VAL B 142 0.62 3.46 -22.39
CA VAL B 142 2.05 3.67 -22.64
C VAL B 142 2.51 2.89 -23.87
N GLY B 143 2.06 1.65 -24.01
CA GLY B 143 2.40 0.84 -25.17
C GLY B 143 1.96 1.47 -26.49
N ILE B 144 0.83 2.14 -26.49
CA ILE B 144 0.36 2.86 -27.68
C ILE B 144 1.18 4.13 -27.84
N GLY B 145 1.40 4.84 -26.74
CA GLY B 145 2.33 5.97 -26.71
C GLY B 145 1.95 7.19 -25.90
N ALA B 146 1.06 7.03 -24.93
CA ALA B 146 0.75 8.13 -24.01
C ALA B 146 0.62 7.63 -22.57
N PRO B 147 0.93 8.49 -21.60
CA PRO B 147 0.65 8.08 -20.23
C PRO B 147 -0.85 8.07 -19.99
N PRO B 148 -1.34 7.18 -19.11
CA PRO B 148 -2.78 7.17 -18.85
C PRO B 148 -3.28 8.55 -18.43
N GLY B 149 -4.42 8.97 -18.96
CA GLY B 149 -4.89 10.34 -18.79
C GLY B 149 -6.08 10.57 -17.89
N ALA B 150 -6.68 9.53 -17.34
CA ALA B 150 -7.93 9.71 -16.58
C ALA B 150 -7.91 9.14 -15.17
N GLY B 151 -6.72 8.95 -14.62
CA GLY B 151 -6.57 8.56 -13.23
C GLY B 151 -5.76 7.34 -12.92
N ALA B 152 -5.39 6.54 -13.92
CA ALA B 152 -4.65 5.32 -13.61
C ALA B 152 -3.35 5.59 -12.87
N ILE B 153 -2.64 6.64 -13.26
CA ILE B 153 -1.37 6.98 -12.59
C ILE B 153 -1.64 7.29 -11.12
N GLN B 154 -2.67 8.09 -10.85
CA GLN B 154 -2.96 8.51 -9.50
C GLN B 154 -3.49 7.38 -8.64
N HIS B 155 -4.43 6.61 -9.18
CA HIS B 155 -5.02 5.52 -8.42
C HIS B 155 -4.08 4.33 -8.28
N LEU B 156 -3.47 3.89 -9.37
CA LEU B 156 -2.63 2.69 -9.29
C LEU B 156 -1.42 2.93 -8.40
N THR B 157 -0.81 4.11 -8.44
CA THR B 157 0.34 4.34 -7.60
C THR B 157 -0.04 4.17 -6.13
N ARG B 158 -1.20 4.69 -5.76
CA ARG B 158 -1.65 4.61 -4.37
C ARG B 158 -2.12 3.21 -3.98
N LEU B 159 -2.80 2.52 -4.87
CA LEU B 159 -3.31 1.18 -4.56
C LEU B 159 -2.23 0.10 -4.61
N LEU B 160 -1.41 0.16 -5.65
CA LEU B 160 -0.43 -0.88 -5.93
C LEU B 160 0.92 -0.62 -5.28
N GLY B 161 1.23 0.65 -4.99
CA GLY B 161 2.57 1.02 -4.58
C GLY B 161 3.45 1.26 -5.79
N ARG B 162 4.57 1.92 -5.58
CA ARG B 162 5.43 2.37 -6.66
C ARG B 162 5.86 1.29 -7.64
N GLY B 163 6.38 0.20 -7.11
CA GLY B 163 6.95 -0.84 -7.97
C GLY B 163 5.93 -1.51 -8.87
N ARG B 164 4.82 -1.93 -8.28
CA ARG B 164 3.76 -2.59 -9.03
C ARG B 164 3.03 -1.63 -9.97
N ALA B 165 2.88 -0.36 -9.58
CA ALA B 165 2.30 0.65 -10.47
C ALA B 165 3.21 0.89 -11.66
N LEU B 166 4.52 0.98 -11.44
CA LEU B 166 5.44 1.17 -12.56
C LEU B 166 5.34 -0.04 -13.49
N GLU B 167 5.31 -1.24 -12.93
CA GLU B 167 5.11 -2.44 -13.75
C GLU B 167 3.82 -2.37 -14.58
N ALA B 168 2.69 -2.15 -13.93
CA ALA B 168 1.39 -2.17 -14.62
C ALA B 168 1.34 -1.11 -15.71
N VAL B 169 1.74 0.11 -15.37
CA VAL B 169 1.59 1.22 -16.30
C VAL B 169 2.62 1.18 -17.43
N LEU B 170 3.86 0.82 -17.12
CA LEU B 170 4.92 0.89 -18.12
C LEU B 170 4.96 -0.35 -19.03
N THR B 171 4.56 -1.52 -18.52
CA THR B 171 4.54 -2.72 -19.38
C THR B 171 3.31 -2.77 -20.26
N SER B 172 2.24 -2.09 -19.85
CA SER B 172 0.94 -2.17 -20.55
C SER B 172 0.41 -3.62 -20.69
N SER B 173 0.86 -4.51 -19.83
CA SER B 173 0.44 -5.91 -19.91
C SER B 173 -0.93 -6.13 -19.30
N ASP B 174 -1.57 -7.21 -19.72
CA ASP B 174 -2.85 -7.61 -19.17
C ASP B 174 -2.63 -8.39 -17.87
N PHE B 175 -3.54 -8.18 -16.92
CA PHE B 175 -3.50 -8.82 -15.61
C PHE B 175 -4.79 -9.59 -15.41
N ASP B 176 -4.69 -10.87 -15.03
CA ASP B 176 -5.89 -11.62 -14.69
C ASP B 176 -6.39 -11.22 -13.30
N ALA B 177 -7.58 -11.70 -12.93
CA ALA B 177 -8.23 -11.24 -11.71
C ALA B 177 -7.42 -11.58 -10.45
N ASP B 178 -6.85 -12.78 -10.42
CA ASP B 178 -6.09 -13.20 -9.23
C ASP B 178 -4.86 -12.29 -9.05
N LEU B 179 -4.16 -12.00 -10.13
CA LEU B 179 -2.97 -11.14 -10.04
C LEU B 179 -3.40 -9.71 -9.71
N ALA B 180 -4.48 -9.24 -10.32
CA ALA B 180 -5.05 -7.94 -9.99
C ALA B 180 -5.36 -7.83 -8.50
N GLU B 181 -5.93 -8.89 -7.92
CA GLU B 181 -6.18 -8.87 -6.48
C GLU B 181 -4.87 -8.82 -5.69
N ARG B 182 -3.91 -9.66 -6.06
CA ARG B 182 -2.64 -9.69 -5.34
C ARG B 182 -1.97 -8.32 -5.38
N TYR B 183 -2.09 -7.62 -6.52
CA TYR B 183 -1.48 -6.30 -6.68
C TYR B 183 -2.28 -5.16 -6.03
N GLY B 184 -3.56 -5.40 -5.77
CA GLY B 184 -4.44 -4.39 -5.18
C GLY B 184 -5.28 -3.57 -6.15
N TRP B 185 -5.28 -3.98 -7.41
CA TRP B 185 -6.01 -3.28 -8.47
C TRP B 185 -7.50 -3.49 -8.30
N VAL B 186 -7.89 -4.65 -7.78
CA VAL B 186 -9.29 -4.88 -7.39
C VAL B 186 -9.32 -5.27 -5.90
N ASN B 187 -10.47 -5.10 -5.25
CA ASN B 187 -10.60 -5.44 -3.83
C ASN B 187 -10.44 -6.94 -3.64
N ARG B 188 -11.17 -7.70 -4.47
CA ARG B 188 -11.13 -9.14 -4.44
C ARG B 188 -11.53 -9.75 -5.78
N ALA B 189 -10.93 -10.89 -6.06
CA ALA B 189 -11.34 -11.78 -7.13
C ALA B 189 -12.29 -12.81 -6.53
N VAL B 190 -13.41 -13.02 -7.20
CA VAL B 190 -14.51 -13.85 -6.70
C VAL B 190 -14.88 -14.86 -7.80
N PRO B 191 -15.19 -16.12 -7.44
CA PRO B 191 -15.59 -17.02 -8.52
C PRO B 191 -16.79 -16.47 -9.29
N ASP B 192 -16.77 -16.64 -10.61
CA ASP B 192 -17.77 -16.05 -11.47
C ASP B 192 -19.20 -16.39 -11.02
N ALA B 193 -19.39 -17.63 -10.58
CA ALA B 193 -20.71 -18.08 -10.17
C ALA B 193 -21.21 -17.44 -8.88
N GLU B 194 -20.29 -16.86 -8.08
CA GLU B 194 -20.63 -16.24 -6.81
C GLU B 194 -20.66 -14.72 -6.90
N LEU B 195 -20.10 -14.17 -7.97
CA LEU B 195 -19.88 -12.72 -8.07
C LEU B 195 -21.13 -11.86 -7.95
N ASP B 196 -22.21 -12.23 -8.66
CA ASP B 196 -23.43 -11.42 -8.63
C ASP B 196 -24.01 -11.35 -7.22
N GLU B 197 -24.12 -12.50 -6.57
CA GLU B 197 -24.69 -12.60 -5.22
C GLU B 197 -23.81 -11.86 -4.21
N PHE B 198 -22.50 -12.00 -4.35
CA PHE B 198 -21.55 -11.35 -3.45
C PHE B 198 -21.70 -9.83 -3.50
N VAL B 199 -21.71 -9.29 -4.72
CA VAL B 199 -21.85 -7.85 -4.91
C VAL B 199 -23.23 -7.34 -4.45
N ALA B 200 -24.27 -8.09 -4.77
CA ALA B 200 -25.62 -7.71 -4.38
C ALA B 200 -25.76 -7.62 -2.86
N GLY B 201 -25.09 -8.54 -2.17
CA GLY B 201 -25.12 -8.62 -0.72
C GLY B 201 -24.47 -7.41 -0.09
N ILE B 202 -23.28 -7.07 -0.58
CA ILE B 202 -22.56 -5.87 -0.12
C ILE B 202 -23.39 -4.61 -0.32
N ALA B 203 -23.97 -4.45 -1.50
CA ALA B 203 -24.82 -3.29 -1.78
C ALA B 203 -26.03 -3.25 -0.83
N ALA B 204 -26.58 -4.43 -0.55
CA ALA B 204 -27.66 -4.59 0.42
C ALA B 204 -27.25 -4.24 1.85
N ARG B 205 -26.04 -4.62 2.28
CA ARG B 205 -25.49 -4.13 3.56
C ARG B 205 -25.78 -2.63 3.66
N MET B 206 -25.21 -1.90 2.72
CA MET B 206 -25.08 -0.46 2.85
C MET B 206 -26.40 0.28 2.62
N SER B 207 -27.28 -0.31 1.83
CA SER B 207 -28.64 0.20 1.58
C SER B 207 -29.45 0.62 2.83
N GLY B 208 -29.24 -0.07 3.94
CA GLY B 208 -29.94 0.24 5.19
C GLY B 208 -29.22 1.21 6.13
N PHE B 209 -28.04 1.66 5.75
CA PHE B 209 -27.23 2.48 6.65
C PHE B 209 -27.58 3.96 6.49
N PRO B 210 -27.38 4.77 7.55
CA PRO B 210 -27.71 6.19 7.42
C PRO B 210 -26.97 6.88 6.26
N ARG B 211 -27.71 7.64 5.46
CA ARG B 211 -27.15 8.27 4.28
C ARG B 211 -25.96 9.16 4.65
N ASP B 212 -26.14 9.97 5.69
CA ASP B 212 -25.09 10.91 6.08
C ASP B 212 -23.80 10.22 6.56
N ALA B 213 -23.93 9.05 7.17
CA ALA B 213 -22.75 8.29 7.61
C ALA B 213 -21.95 7.78 6.43
N LEU B 214 -22.65 7.24 5.43
CA LEU B 214 -22.00 6.77 4.21
C LEU B 214 -21.26 7.90 3.54
N ILE B 215 -21.94 9.04 3.39
CA ILE B 215 -21.35 10.21 2.74
C ILE B 215 -20.16 10.75 3.53
N ALA B 216 -20.30 10.86 4.85
CA ALA B 216 -19.22 11.40 5.67
C ALA B 216 -17.97 10.52 5.61
N ALA B 217 -18.15 9.21 5.75
CA ALA B 217 -17.01 8.30 5.75
C ALA B 217 -16.32 8.30 4.40
N LYS B 218 -17.11 8.24 3.34
CA LYS B 218 -16.55 8.25 1.99
C LYS B 218 -15.79 9.56 1.73
N SER B 219 -16.38 10.68 2.10
CA SER B 219 -15.73 11.98 1.92
CA SER B 219 -15.73 11.95 1.89
C SER B 219 -14.40 12.01 2.65
N ALA B 220 -14.38 11.51 3.88
CA ALA B 220 -13.15 11.53 4.68
C ALA B 220 -12.04 10.65 4.08
N ILE B 221 -12.41 9.47 3.61
CA ILE B 221 -11.47 8.57 2.97
C ILE B 221 -10.97 9.17 1.64
N ASN B 222 -11.89 9.70 0.84
CA ASN B 222 -11.51 10.37 -0.41
C ASN B 222 -10.49 11.50 -0.20
N ALA B 223 -10.69 12.30 0.84
CA ALA B 223 -9.80 13.43 1.08
C ALA B 223 -8.35 13.00 1.28
N ILE B 224 -8.16 11.81 1.87
CA ILE B 224 -6.84 11.24 2.14
CA ILE B 224 -6.83 11.26 2.12
C ILE B 224 -6.24 10.54 0.92
N SER B 225 -7.09 9.95 0.09
CA SER B 225 -6.64 9.02 -0.95
C SER B 225 -6.80 9.47 -2.41
N LEU B 226 -7.44 10.60 -2.65
CA LEU B 226 -7.56 11.13 -4.01
C LEU B 226 -6.51 12.20 -4.27
N PRO B 227 -6.04 12.29 -5.52
CA PRO B 227 -5.14 13.37 -5.90
C PRO B 227 -5.86 14.72 -5.85
N ALA B 228 -5.08 15.81 -5.78
CA ALA B 228 -5.63 17.15 -5.95
C ALA B 228 -6.10 17.35 -7.39
N PRO B 229 -7.07 18.24 -7.60
CA PRO B 229 -7.51 18.48 -8.97
C PRO B 229 -6.38 18.88 -9.92
N ALA B 230 -5.40 19.68 -9.47
CA ALA B 230 -4.29 20.08 -10.34
C ALA B 230 -3.58 18.85 -10.95
N GLU B 231 -3.33 17.81 -10.15
CA GLU B 231 -2.65 16.63 -10.65
C GLU B 231 -3.54 15.87 -11.65
N VAL B 232 -4.85 15.83 -11.41
CA VAL B 232 -5.76 15.16 -12.34
C VAL B 232 -5.74 15.92 -13.69
N ARG B 233 -5.78 17.24 -13.63
CA ARG B 233 -5.74 18.06 -14.83
C ARG B 233 -4.41 17.95 -15.57
N ALA B 234 -3.30 17.88 -14.84
CA ALA B 234 -1.99 17.74 -15.46
C ALA B 234 -1.88 16.39 -16.17
N ASP B 235 -2.35 15.33 -15.54
CA ASP B 235 -2.34 13.99 -16.16
C ASP B 235 -3.12 14.03 -17.47
N ALA B 236 -4.30 14.64 -17.43
CA ALA B 236 -5.17 14.67 -18.61
C ALA B 236 -4.51 15.44 -19.73
N ALA B 237 -3.89 16.56 -19.42
CA ALA B 237 -3.28 17.43 -20.44
C ALA B 237 -2.17 16.70 -21.17
N LEU B 238 -1.35 15.95 -20.42
CA LEU B 238 -0.23 15.25 -21.05
C LEU B 238 -0.71 14.10 -21.94
N PHE B 239 -1.71 13.35 -21.47
CA PHE B 239 -2.35 12.36 -22.31
C PHE B 239 -2.92 13.00 -23.57
N GLN B 240 -3.63 14.12 -23.42
CA GLN B 240 -4.32 14.77 -24.53
C GLN B 240 -3.31 15.23 -25.58
N GLN B 241 -2.14 15.68 -25.14
CA GLN B 241 -1.06 16.07 -26.02
C GLN B 241 -0.48 14.86 -26.76
N LEU B 242 -0.01 13.87 -26.01
CA LEU B 242 0.72 12.76 -26.63
C LEU B 242 -0.19 11.88 -27.50
N VAL B 243 -1.47 11.78 -27.15
CA VAL B 243 -2.40 10.94 -27.91
C VAL B 243 -2.66 11.53 -29.30
N ARG B 244 -2.36 12.81 -29.48
CA ARG B 244 -2.51 13.49 -30.76
C ARG B 244 -1.19 13.52 -31.54
N GLY B 245 -0.13 12.95 -30.96
CA GLY B 245 1.21 13.01 -31.54
C GLY B 245 1.48 11.97 -32.61
N GLU B 246 2.55 12.21 -33.37
CA GLU B 246 2.93 11.36 -34.49
C GLU B 246 3.19 9.90 -34.11
N LYS B 247 3.84 9.66 -32.98
CA LYS B 247 4.19 8.29 -32.60
C LYS B 247 2.92 7.48 -32.28
N VAL B 248 2.00 8.06 -31.52
CA VAL B 248 0.71 7.43 -31.28
C VAL B 248 -0.07 7.25 -32.57
N GLN B 249 -0.04 8.25 -33.45
CA GLN B 249 -0.72 8.10 -34.75
C GLN B 249 -0.21 6.89 -35.52
N GLN B 250 1.11 6.75 -35.57
CA GLN B 250 1.71 5.63 -36.31
C GLN B 250 1.38 4.28 -35.68
N ARG B 251 1.49 4.18 -34.36
CA ARG B 251 1.25 2.90 -33.71
C ARG B 251 -0.24 2.53 -33.74
N THR B 252 -1.10 3.52 -33.58
CA THR B 252 -2.54 3.30 -33.69
C THR B 252 -2.91 2.93 -35.13
N ALA B 253 -2.24 3.52 -36.12
CA ALA B 253 -2.48 3.13 -37.52
C ALA B 253 -2.18 1.64 -37.70
N GLU B 254 -1.07 1.17 -37.13
CA GLU B 254 -0.74 -0.26 -37.24
C GLU B 254 -1.78 -1.11 -36.53
N LEU B 255 -2.19 -0.68 -35.34
CA LEU B 255 -3.26 -1.37 -34.64
C LEU B 255 -4.56 -1.44 -35.47
N PHE B 256 -4.94 -0.33 -36.10
CA PHE B 256 -6.17 -0.34 -36.94
C PHE B 256 -6.05 -1.37 -38.07
N LYS B 257 -4.86 -1.48 -38.67
CA LYS B 257 -4.64 -2.47 -39.73
C LYS B 257 -4.86 -3.89 -39.22
N GLN B 258 -4.56 -4.12 -37.94
CA GLN B 258 -4.68 -5.43 -37.31
C GLN B 258 -6.04 -5.64 -36.63
N GLY B 259 -6.98 -4.70 -36.78
CA GLY B 259 -8.35 -4.91 -36.27
C GLY B 259 -8.68 -4.23 -34.94
N PHE B 260 -7.88 -3.24 -34.57
CA PHE B 260 -8.19 -2.37 -33.44
C PHE B 260 -9.62 -1.84 -33.58
N GLN B 261 -10.32 -1.74 -32.46
CA GLN B 261 -11.72 -1.29 -32.44
C GLN B 261 -12.62 -2.16 -33.30
N THR B 262 -12.32 -3.46 -33.31
CA THR B 262 -13.24 -4.50 -33.77
C THR B 262 -13.15 -5.64 -32.77
N ARG B 263 -14.14 -6.53 -32.77
CA ARG B 263 -14.13 -7.64 -31.83
C ARG B 263 -13.32 -8.79 -32.42
N GLY B 264 -12.01 -8.67 -32.33
CA GLY B 264 -11.09 -9.67 -32.83
C GLY B 264 -9.93 -9.88 -31.89
N ALA B 265 -8.90 -10.56 -32.38
CA ALA B 265 -7.76 -10.93 -31.56
C ALA B 265 -7.04 -9.71 -30.98
N THR B 266 -6.93 -8.64 -31.75
CA THR B 266 -6.21 -7.44 -31.28
C THR B 266 -6.85 -6.84 -30.03
N GLU B 267 -8.17 -6.69 -30.03
CA GLU B 267 -8.87 -6.15 -28.85
C GLU B 267 -9.03 -7.18 -27.75
N LEU B 268 -9.33 -8.42 -28.09
CA LEU B 268 -9.46 -9.45 -27.07
C LEU B 268 -8.16 -9.64 -26.29
N ASP B 269 -7.03 -9.56 -26.98
CA ASP B 269 -5.71 -9.74 -26.39
C ASP B 269 -4.82 -8.52 -26.65
N LEU B 270 -5.32 -7.34 -26.31
CA LEU B 270 -4.62 -6.10 -26.63
C LEU B 270 -3.27 -5.97 -25.97
N GLY B 271 -3.15 -6.42 -24.72
CA GLY B 271 -1.87 -6.35 -24.04
C GLY B 271 -0.78 -7.05 -24.83
N ASP B 272 -1.07 -8.27 -25.28
CA ASP B 272 -0.14 -9.04 -26.10
C ASP B 272 0.15 -8.34 -27.42
N ALA B 273 -0.88 -7.77 -28.05
CA ALA B 273 -0.75 -7.15 -29.37
C ALA B 273 0.25 -6.00 -29.37
N LEU B 274 0.30 -5.27 -28.25
CA LEU B 274 1.19 -4.11 -28.17
C LEU B 274 2.66 -4.51 -28.26
N GLY B 275 2.98 -5.70 -27.78
CA GLY B 275 4.35 -6.20 -27.80
C GLY B 275 4.87 -6.49 -29.20
N HIS B 276 3.96 -6.62 -30.17
CA HIS B 276 4.35 -6.92 -31.55
C HIS B 276 4.48 -5.68 -32.44
N LEU B 277 4.12 -4.51 -31.91
CA LEU B 277 4.15 -3.29 -32.71
C LEU B 277 5.58 -2.86 -32.97
N LYS B 278 5.83 -2.44 -34.21
CA LYS B 278 7.12 -1.90 -34.60
C LYS B 278 7.40 -0.61 -33.85
N ALA B 279 8.62 -0.48 -33.32
CA ALA B 279 9.04 0.75 -32.65
C ALA B 279 9.09 1.91 -33.62
N VAL B 280 8.56 3.06 -33.18
CA VAL B 280 8.49 4.27 -34.01
C VAL B 280 9.58 5.27 -33.58
N THR C 4 7.05 -4.78 38.18
CA THR C 4 6.35 -3.80 37.31
C THR C 4 4.98 -3.46 37.89
N ALA C 5 4.43 -2.29 37.52
CA ALA C 5 3.10 -1.89 37.97
C ALA C 5 2.01 -2.73 37.30
N SER C 6 1.08 -3.25 38.09
CA SER C 6 -0.17 -3.81 37.54
C SER C 6 -1.29 -2.83 37.84
N TYR C 7 -2.33 -2.89 37.02
CA TYR C 7 -3.42 -1.93 37.07
C TYR C 7 -4.70 -2.72 37.26
N GLU C 8 -5.79 -2.04 37.58
CA GLU C 8 -7.09 -2.70 37.70
C GLU C 8 -7.46 -3.47 36.42
N THR C 9 -7.26 -2.86 35.26
CA THR C 9 -7.74 -3.42 34.00
C THR C 9 -6.62 -3.90 33.08
N ILE C 10 -5.38 -3.74 33.52
CA ILE C 10 -4.22 -4.15 32.75
C ILE C 10 -3.30 -4.95 33.65
N LYS C 11 -3.23 -6.24 33.40
CA LYS C 11 -2.36 -7.12 34.17
C LYS C 11 -1.04 -7.21 33.44
N ALA C 12 0.04 -6.86 34.14
CA ALA C 12 1.35 -6.68 33.53
C ALA C 12 2.39 -7.61 34.13
N ARG C 13 3.17 -8.25 33.27
CA ARG C 13 4.37 -8.95 33.71
C ARG C 13 5.55 -8.50 32.85
N LEU C 14 6.66 -8.17 33.52
CA LEU C 14 7.87 -7.71 32.86
C LEU C 14 8.91 -8.82 32.89
N ASP C 15 9.42 -9.16 31.72
CA ASP C 15 10.44 -10.20 31.56
C ASP C 15 11.59 -9.62 30.77
N GLY C 16 12.60 -9.17 31.50
CA GLY C 16 13.71 -8.44 30.91
C GLY C 16 13.25 -7.11 30.36
N THR C 17 13.27 -6.99 29.03
CA THR C 17 12.92 -5.74 28.36
C THR C 17 11.61 -5.90 27.58
N VAL C 18 10.88 -6.99 27.85
CA VAL C 18 9.56 -7.22 27.21
C VAL C 18 8.45 -7.24 28.24
N LEU C 19 7.52 -6.29 28.12
CA LEU C 19 6.34 -6.23 28.96
C LEU C 19 5.17 -6.92 28.29
N SER C 20 4.51 -7.82 29.00
CA SER C 20 3.28 -8.44 28.54
C SER C 20 2.15 -7.80 29.31
N ALA C 21 1.32 -7.03 28.60
CA ALA C 21 0.21 -6.29 29.20
C ALA C 21 -1.09 -6.91 28.70
N THR C 22 -1.89 -7.43 29.63
CA THR C 22 -3.13 -8.13 29.31
C THR C 22 -4.35 -7.33 29.78
N PHE C 23 -5.23 -6.99 28.85
CA PHE C 23 -6.46 -6.29 29.20
C PHE C 23 -7.47 -7.24 29.83
N ASN C 24 -7.92 -6.88 31.02
CA ASN C 24 -8.82 -7.70 31.82
C ASN C 24 -9.78 -6.77 32.54
N ALA C 25 -10.88 -6.48 31.88
CA ALA C 25 -11.87 -5.53 32.35
C ALA C 25 -13.27 -6.16 32.23
N PRO C 26 -13.61 -7.07 33.16
CA PRO C 26 -14.92 -7.71 33.09
C PRO C 26 -16.05 -6.73 33.24
N PRO C 27 -17.25 -7.08 32.76
CA PRO C 27 -17.63 -8.39 32.22
C PRO C 27 -17.17 -8.74 30.79
N MET C 28 -16.91 -7.76 29.93
CA MET C 28 -16.57 -8.11 28.54
C MET C 28 -15.54 -7.20 27.87
N ASN C 29 -14.66 -6.60 28.67
CA ASN C 29 -13.56 -5.78 28.13
C ASN C 29 -14.01 -4.58 27.32
N LEU C 30 -15.16 -4.00 27.66
CA LEU C 30 -15.52 -2.71 27.07
C LEU C 30 -14.44 -1.69 27.40
N ILE C 31 -14.17 -0.77 26.46
CA ILE C 31 -13.29 0.36 26.76
C ILE C 31 -14.10 1.40 27.51
N GLY C 32 -13.96 1.35 28.84
CA GLY C 32 -14.62 2.31 29.72
C GLY C 32 -13.60 3.17 30.42
N PRO C 33 -14.04 3.96 31.41
CA PRO C 33 -13.15 4.92 32.06
C PRO C 33 -11.97 4.28 32.77
N GLU C 34 -12.14 3.10 33.37
CA GLU C 34 -11.05 2.44 34.08
C GLU C 34 -9.96 1.98 33.10
N VAL C 35 -10.38 1.39 32.00
CA VAL C 35 -9.45 0.96 30.95
C VAL C 35 -8.66 2.16 30.43
N VAL C 36 -9.36 3.25 30.14
CA VAL C 36 -8.70 4.44 29.59
C VAL C 36 -7.72 5.04 30.61
N ARG C 37 -8.18 5.19 31.86
CA ARG C 37 -7.31 5.62 32.95
C ARG C 37 -6.04 4.80 33.04
N ASP C 38 -6.19 3.49 33.03
CA ASP C 38 -5.04 2.63 33.20
C ASP C 38 -4.11 2.69 31.97
N LEU C 39 -4.70 2.81 30.78
CA LEU C 39 -3.90 2.98 29.57
C LEU C 39 -3.10 4.29 29.62
N VAL C 40 -3.74 5.37 30.05
CA VAL C 40 -3.04 6.63 30.22
C VAL C 40 -1.83 6.49 31.16
N ALA C 41 -2.04 5.82 32.29
CA ALA C 41 -0.96 5.59 33.26
C ALA C 41 0.16 4.74 32.66
N LEU C 42 -0.22 3.68 31.94
CA LEU C 42 0.76 2.81 31.30
C LEU C 42 1.61 3.58 30.28
N LEU C 43 0.97 4.42 29.47
CA LEU C 43 1.69 5.20 28.47
C LEU C 43 2.71 6.12 29.15
N GLU C 44 2.35 6.67 30.30
CA GLU C 44 3.27 7.52 31.04
C GLU C 44 4.51 6.72 31.46
N GLU C 45 4.30 5.53 32.00
CA GLU C 45 5.40 4.66 32.43
C GLU C 45 6.31 4.28 31.27
N LEU C 46 5.70 3.98 30.12
CA LEU C 46 6.43 3.52 28.96
C LEU C 46 7.24 4.61 28.25
N ALA C 47 7.09 5.86 28.69
CA ALA C 47 7.89 6.96 28.18
C ALA C 47 9.26 7.07 28.85
N HIS C 48 9.47 6.34 29.95
CA HIS C 48 10.71 6.48 30.73
C HIS C 48 11.90 5.84 30.00
N PRO C 49 13.11 6.42 30.14
CA PRO C 49 14.31 5.96 29.43
C PRO C 49 14.65 4.47 29.60
N THR C 50 14.38 3.91 30.78
CA THR C 50 14.67 2.50 31.05
C THR C 50 13.42 1.62 31.09
N ALA C 51 12.32 2.11 30.51
CA ALA C 51 11.15 1.28 30.26
C ALA C 51 11.50 0.10 29.36
N PRO C 52 10.63 -0.93 29.30
CA PRO C 52 10.86 -2.03 28.36
C PRO C 52 10.92 -1.52 26.92
N ARG C 53 11.77 -2.13 26.10
CA ARG C 53 11.86 -1.84 24.65
C ARG C 53 10.58 -2.21 23.92
N VAL C 54 9.89 -3.24 24.41
CA VAL C 54 8.79 -3.87 23.70
C VAL C 54 7.63 -4.14 24.64
N VAL C 55 6.42 -3.92 24.16
CA VAL C 55 5.22 -4.29 24.87
C VAL C 55 4.34 -5.17 23.99
N ILE C 56 3.93 -6.31 24.52
CA ILE C 56 2.98 -7.19 23.87
C ILE C 56 1.63 -6.99 24.54
N PHE C 57 0.63 -6.61 23.76
CA PHE C 57 -0.73 -6.46 24.27
C PHE C 57 -1.58 -7.66 23.90
N ASP C 58 -2.28 -8.22 24.88
CA ASP C 58 -3.24 -9.29 24.67
C ASP C 58 -4.47 -9.08 25.56
N SER C 59 -5.41 -10.02 25.51
CA SER C 59 -6.67 -9.92 26.24
C SER C 59 -6.90 -11.17 27.06
N ALA C 60 -7.46 -10.96 28.26
CA ALA C 60 -7.87 -12.06 29.13
C ALA C 60 -9.26 -12.59 28.81
N ASP C 61 -10.01 -11.87 27.96
CA ASP C 61 -11.40 -12.22 27.70
C ASP C 61 -11.46 -13.33 26.67
N ALA C 62 -12.33 -14.30 26.89
CA ALA C 62 -12.44 -15.48 26.04
C ALA C 62 -12.84 -15.17 24.59
N ASP C 63 -13.61 -14.11 24.39
CA ASP C 63 -14.25 -13.83 23.11
C ASP C 63 -13.87 -12.47 22.52
N PHE C 64 -13.38 -11.57 23.36
CA PHE C 64 -13.09 -10.20 22.92
C PHE C 64 -11.69 -9.76 23.30
N PHE C 65 -11.11 -8.94 22.43
CA PHE C 65 -9.97 -8.11 22.80
C PHE C 65 -10.59 -6.86 23.45
N PHE C 66 -11.23 -6.00 22.64
CA PHE C 66 -12.18 -5.01 23.12
C PHE C 66 -13.39 -5.04 22.17
N PRO C 67 -14.62 -5.15 22.69
CA PRO C 67 -15.76 -5.13 21.77
C PRO C 67 -15.97 -3.80 21.05
N HIS C 68 -15.67 -2.72 21.77
CA HIS C 68 -15.87 -1.32 21.37
C HIS C 68 -15.85 -0.52 22.67
N VAL C 69 -16.13 0.78 22.61
CA VAL C 69 -16.19 1.59 23.84
C VAL C 69 -17.48 1.32 24.61
N ASP C 70 -17.46 1.61 25.91
CA ASP C 70 -18.68 1.60 26.70
C ASP C 70 -19.48 2.85 26.39
N MET C 71 -20.55 2.70 25.60
CA MET C 71 -21.33 3.84 25.14
C MET C 71 -22.22 4.47 26.22
N THR C 72 -22.23 3.87 27.41
CA THR C 72 -22.94 4.44 28.56
C THR C 72 -22.05 5.32 29.43
N LYS C 73 -20.76 5.42 29.11
CA LYS C 73 -19.81 6.13 29.96
C LYS C 73 -18.90 7.04 29.14
N VAL C 74 -19.46 7.65 28.11
CA VAL C 74 -18.68 8.46 27.17
C VAL C 74 -18.04 9.67 27.84
N PRO C 75 -18.83 10.44 28.62
CA PRO C 75 -18.18 11.58 29.32
C PRO C 75 -17.04 11.14 30.21
N GLU C 76 -17.24 10.04 30.93
CA GLU C 76 -16.28 9.53 31.89
C GLU C 76 -14.99 9.07 31.21
N TYR C 77 -15.07 8.24 30.17
CA TYR C 77 -13.83 7.77 29.53
C TYR C 77 -13.15 8.89 28.75
N THR C 78 -13.93 9.83 28.24
CA THR C 78 -13.37 10.98 27.54
C THR C 78 -12.56 11.86 28.51
N ALA C 79 -13.09 12.08 29.72
CA ALA C 79 -12.38 12.85 30.74
C ALA C 79 -11.05 12.18 31.11
N GLU C 80 -11.04 10.86 31.16
CA GLU C 80 -9.81 10.13 31.41
C GLU C 80 -8.81 10.29 30.26
N ALA C 81 -9.28 10.20 29.02
CA ALA C 81 -8.39 10.34 27.86
C ALA C 81 -7.78 11.73 27.78
N ALA C 82 -8.55 12.73 28.19
CA ALA C 82 -8.11 14.12 28.15
C ALA C 82 -6.83 14.35 28.95
N LYS C 83 -6.65 13.59 30.03
CA LYS C 83 -5.51 13.76 30.92
C LYS C 83 -4.17 13.46 30.25
N ALA C 84 -4.18 12.72 29.15
CA ALA C 84 -2.97 12.36 28.42
C ALA C 84 -2.46 13.43 27.46
N GLY C 85 -3.26 14.46 27.18
CA GLY C 85 -2.90 15.41 26.14
C GLY C 85 -3.20 16.86 26.49
N GLY C 86 -3.18 17.70 25.49
CA GLY C 86 -3.42 19.12 25.64
C GLY C 86 -4.81 19.52 25.19
N PRO C 87 -5.02 20.82 24.98
CA PRO C 87 -6.33 21.31 24.58
C PRO C 87 -6.77 20.66 23.26
N GLY C 88 -8.01 20.20 23.23
CA GLY C 88 -8.54 19.52 22.04
C GLY C 88 -8.08 18.09 21.84
N ASP C 89 -7.39 17.51 22.83
CA ASP C 89 -6.94 16.13 22.74
C ASP C 89 -7.81 15.19 23.58
N ALA C 90 -9.01 15.63 23.97
CA ALA C 90 -9.90 14.78 24.75
C ALA C 90 -10.66 13.83 23.82
N SER C 91 -9.93 12.86 23.31
CA SER C 91 -10.48 11.89 22.37
C SER C 91 -9.63 10.64 22.40
N LEU C 92 -10.25 9.50 22.17
CA LEU C 92 -9.50 8.26 22.03
C LEU C 92 -8.54 8.32 20.83
N GLY C 93 -8.93 9.03 19.78
CA GLY C 93 -8.04 9.24 18.64
C GLY C 93 -6.69 9.81 19.04
N MET C 94 -6.72 10.87 19.86
CA MET C 94 -5.45 11.49 20.28
C MET C 94 -4.73 10.64 21.33
N LEU C 95 -5.46 9.97 22.19
CA LEU C 95 -4.84 9.02 23.11
C LEU C 95 -4.12 7.92 22.36
N PHE C 96 -4.78 7.37 21.34
CA PHE C 96 -4.18 6.29 20.54
C PHE C 96 -3.01 6.81 19.71
N ARG C 97 -3.01 8.08 19.35
CA ARG C 97 -1.85 8.67 18.68
C ARG C 97 -0.64 8.67 19.62
N LYS C 98 -0.88 8.99 20.88
CA LYS C 98 0.19 8.93 21.88
C LYS C 98 0.72 7.51 21.98
N LEU C 99 -0.17 6.52 21.95
CA LEU C 99 0.22 5.11 21.90
C LEU C 99 1.12 4.83 20.68
N SER C 100 0.72 5.31 19.51
CA SER C 100 1.51 5.07 18.30
C SER C 100 2.91 5.66 18.38
N GLN C 101 3.03 6.80 19.07
CA GLN C 101 4.31 7.53 19.16
C GLN C 101 5.22 7.13 20.33
N LEU C 102 4.78 6.16 21.13
CA LEU C 102 5.57 5.69 22.26
C LEU C 102 6.97 5.26 21.84
N PRO C 103 7.98 5.49 22.70
CA PRO C 103 9.31 4.94 22.41
C PRO C 103 9.35 3.42 22.40
N ALA C 104 8.50 2.80 23.23
CA ALA C 104 8.38 1.36 23.27
C ALA C 104 7.71 0.85 21.99
N VAL C 105 8.16 -0.29 21.49
CA VAL C 105 7.55 -0.94 20.34
C VAL C 105 6.35 -1.75 20.83
N THR C 106 5.19 -1.56 20.20
CA THR C 106 3.96 -2.21 20.64
C THR C 106 3.50 -3.27 19.66
N ILE C 107 3.21 -4.45 20.18
CA ILE C 107 2.74 -5.58 19.36
C ILE C 107 1.38 -5.99 19.87
N ALA C 108 0.37 -5.94 19.01
CA ALA C 108 -0.98 -6.39 19.35
C ALA C 108 -1.12 -7.85 18.93
N LYS C 109 -1.45 -8.71 19.89
CA LYS C 109 -1.68 -10.13 19.65
C LYS C 109 -3.17 -10.41 19.79
N LEU C 110 -3.84 -10.65 18.67
CA LEU C 110 -5.31 -10.70 18.63
C LEU C 110 -5.87 -12.12 18.52
N ARG C 111 -6.65 -12.49 19.54
N ARG C 111 -6.77 -12.48 19.44
CA ARG C 111 -7.64 -13.55 19.47
CA ARG C 111 -7.32 -13.84 19.57
C ARG C 111 -8.99 -12.94 19.70
C ARG C 111 -8.83 -13.91 19.67
N GLY C 112 -10.01 -13.55 19.13
N GLY C 112 -9.51 -12.82 19.38
CA GLY C 112 -11.34 -13.05 19.32
CA GLY C 112 -10.95 -12.76 19.51
C GLY C 112 -11.53 -11.68 18.69
C GLY C 112 -11.45 -11.58 18.71
N ARG C 113 -12.57 -11.00 19.15
CA ARG C 113 -13.15 -9.86 18.45
C ARG C 113 -12.60 -8.54 18.94
N ALA C 114 -12.21 -7.69 17.99
CA ALA C 114 -11.83 -6.32 18.27
C ALA C 114 -12.59 -5.48 17.27
N ARG C 115 -13.49 -4.64 17.76
CA ARG C 115 -14.29 -3.79 16.91
C ARG C 115 -14.34 -2.36 17.41
N GLY C 116 -14.63 -1.45 16.49
CA GLY C 116 -14.80 -0.05 16.85
C GLY C 116 -13.50 0.50 17.36
N ALA C 117 -13.53 1.19 18.51
CA ALA C 117 -12.31 1.69 19.11
C ALA C 117 -11.35 0.56 19.50
N GLY C 118 -11.87 -0.66 19.65
CA GLY C 118 -11.03 -1.81 19.87
C GLY C 118 -10.12 -2.10 18.69
N SER C 119 -10.68 -2.09 17.49
CA SER C 119 -9.88 -2.19 16.26
C SER C 119 -8.93 -1.00 16.16
N GLU C 120 -9.42 0.20 16.51
CA GLU C 120 -8.58 1.40 16.43
C GLU C 120 -7.38 1.36 17.39
N PHE C 121 -7.56 0.76 18.56
CA PHE C 121 -6.44 0.52 19.46
C PHE C 121 -5.39 -0.33 18.77
N LEU C 122 -5.83 -1.44 18.17
CA LEU C 122 -4.89 -2.31 17.46
C LEU C 122 -4.18 -1.60 16.31
N LEU C 123 -4.94 -0.82 15.55
CA LEU C 123 -4.37 -0.03 14.45
C LEU C 123 -3.32 0.97 14.90
N ALA C 124 -3.46 1.50 16.11
CA ALA C 124 -2.47 2.44 16.67
C ALA C 124 -1.18 1.75 17.13
N CYS C 125 -1.26 0.48 17.45
CA CYS C 125 -0.09 -0.30 17.79
C CYS C 125 0.83 -0.45 16.57
N ASP C 126 2.08 -0.82 16.82
CA ASP C 126 3.08 -0.87 15.75
C ASP C 126 2.92 -2.06 14.83
N MET C 127 2.53 -3.21 15.38
CA MET C 127 2.38 -4.44 14.63
C MET C 127 1.17 -5.18 15.16
N ARG C 128 0.47 -5.88 14.26
CA ARG C 128 -0.72 -6.68 14.59
C ARG C 128 -0.53 -8.10 14.06
N PHE C 129 -0.67 -9.08 14.94
CA PHE C 129 -0.64 -10.48 14.55
C PHE C 129 -1.88 -11.16 15.10
N ALA C 130 -2.57 -11.90 14.24
CA ALA C 130 -3.93 -12.36 14.52
C ALA C 130 -4.06 -13.87 14.36
N SER C 131 -4.84 -14.47 15.26
CA SER C 131 -5.13 -15.90 15.21
C SER C 131 -6.01 -16.22 14.01
N ARG C 132 -5.55 -17.13 13.15
CA ARG C 132 -6.31 -17.51 11.97
C ARG C 132 -7.71 -18.00 12.33
N GLU C 133 -7.79 -18.79 13.39
CA GLU C 133 -9.05 -19.44 13.76
C GLU C 133 -10.06 -18.53 14.44
N ASN C 134 -9.61 -17.56 15.24
CA ASN C 134 -10.56 -16.86 16.10
CA ASN C 134 -10.44 -16.86 16.22
C ASN C 134 -10.51 -15.33 16.10
N ALA C 135 -9.56 -14.71 15.40
CA ALA C 135 -9.54 -13.24 15.36
C ALA C 135 -10.60 -12.69 14.42
N ILE C 136 -11.29 -11.64 14.86
CA ILE C 136 -12.30 -10.95 14.09
C ILE C 136 -12.10 -9.45 14.29
N LEU C 137 -12.11 -8.71 13.18
CA LEU C 137 -11.99 -7.26 13.19
C LEU C 137 -13.17 -6.62 12.50
N GLY C 138 -13.58 -5.45 12.99
CA GLY C 138 -14.61 -4.70 12.31
C GLY C 138 -14.73 -3.27 12.77
N GLN C 139 -15.27 -2.43 11.91
CA GLN C 139 -15.59 -1.05 12.25
C GLN C 139 -17.10 -0.83 12.09
N PRO C 140 -17.85 -1.02 13.19
CA PRO C 140 -19.32 -0.95 13.13
C PRO C 140 -19.90 0.45 13.03
N GLU C 141 -19.03 1.47 13.03
CA GLU C 141 -19.50 2.83 13.19
C GLU C 141 -20.45 3.31 12.11
N VAL C 142 -20.14 3.08 10.85
CA VAL C 142 -20.99 3.59 9.78
C VAL C 142 -22.37 2.92 9.84
N GLY C 143 -22.39 1.62 10.13
CA GLY C 143 -23.65 0.89 10.27
C GLY C 143 -24.54 1.47 11.35
N ILE C 144 -23.94 1.93 12.44
CA ILE C 144 -24.69 2.58 13.52
C ILE C 144 -25.09 3.99 13.07
N GLY C 145 -24.13 4.71 12.46
CA GLY C 145 -24.44 5.94 11.74
C GLY C 145 -23.40 7.07 11.80
N ALA C 146 -22.12 6.75 12.01
CA ALA C 146 -21.07 7.76 11.98
C ALA C 146 -19.79 7.16 11.45
N PRO C 147 -18.90 7.98 10.85
CA PRO C 147 -17.60 7.42 10.50
C PRO C 147 -16.77 7.13 11.74
N PRO C 148 -15.91 6.11 11.69
CA PRO C 148 -15.05 5.85 12.85
C PRO C 148 -14.29 7.09 13.29
N GLY C 149 -14.21 7.31 14.59
CA GLY C 149 -13.67 8.55 15.15
C GLY C 149 -12.30 8.50 15.83
N ALA C 150 -11.70 7.32 15.95
CA ALA C 150 -10.51 7.15 16.77
C ALA C 150 -9.29 6.66 15.98
N GLY C 151 -9.30 6.84 14.67
CA GLY C 151 -8.14 6.53 13.83
C GLY C 151 -8.37 5.57 12.70
N ALA C 152 -9.49 4.85 12.66
CA ALA C 152 -9.67 3.88 11.58
C ALA C 152 -9.66 4.53 10.20
N ILE C 153 -10.21 5.73 10.07
CA ILE C 153 -10.22 6.42 8.77
C ILE C 153 -8.76 6.60 8.30
N GLN C 154 -7.94 7.14 9.18
CA GLN C 154 -6.57 7.50 8.81
C GLN C 154 -5.73 6.25 8.59
N HIS C 155 -5.82 5.29 9.52
CA HIS C 155 -5.01 4.08 9.43
C HIS C 155 -5.47 3.11 8.35
N LEU C 156 -6.76 2.83 8.27
CA LEU C 156 -7.21 1.88 7.26
C LEU C 156 -7.00 2.41 5.86
N THR C 157 -7.21 3.70 5.63
CA THR C 157 -7.01 4.22 4.28
C THR C 157 -5.57 3.98 3.83
N ARG C 158 -4.61 4.21 4.72
CA ARG C 158 -3.21 4.02 4.39
C ARG C 158 -2.83 2.54 4.26
N LEU C 159 -3.28 1.70 5.19
CA LEU C 159 -2.90 0.29 5.18
C LEU C 159 -3.58 -0.52 4.08
N LEU C 160 -4.88 -0.26 3.87
CA LEU C 160 -5.69 -1.05 2.95
C LEU C 160 -5.73 -0.48 1.54
N GLY C 161 -5.51 0.84 1.41
CA GLY C 161 -5.75 1.52 0.15
C GLY C 161 -7.20 1.93 0.04
N ARG C 162 -7.48 2.85 -0.87
CA ARG C 162 -8.81 3.45 -0.97
C ARG C 162 -9.95 2.44 -1.12
N GLY C 163 -9.79 1.50 -2.05
CA GLY C 163 -10.90 0.58 -2.36
C GLY C 163 -11.28 -0.32 -1.19
N ARG C 164 -10.27 -0.96 -0.61
CA ARG C 164 -10.49 -1.87 0.49
C ARG C 164 -10.86 -1.12 1.77
N ALA C 165 -10.36 0.10 1.95
CA ALA C 165 -10.77 0.90 3.10
C ALA C 165 -12.24 1.30 3.00
N LEU C 166 -12.66 1.72 1.81
CA LEU C 166 -14.06 2.06 1.60
C LEU C 166 -14.92 0.83 1.88
N GLU C 167 -14.51 -0.32 1.38
CA GLU C 167 -15.22 -1.57 1.69
C GLU C 167 -15.33 -1.82 3.19
N ALA C 168 -14.21 -1.79 3.89
CA ALA C 168 -14.20 -2.13 5.32
C ALA C 168 -15.03 -1.12 6.11
N VAL C 169 -14.83 0.15 5.84
CA VAL C 169 -15.49 1.19 6.63
C VAL C 169 -16.97 1.35 6.29
N LEU C 170 -17.31 1.33 5.01
CA LEU C 170 -18.70 1.57 4.61
C LEU C 170 -19.58 0.34 4.86
N THR C 171 -19.04 -0.87 4.75
CA THR C 171 -19.87 -2.07 5.00
C THR C 171 -20.03 -2.34 6.48
N SER C 172 -19.11 -1.87 7.31
CA SER C 172 -19.09 -2.21 8.73
C SER C 172 -19.08 -3.73 8.99
N SER C 173 -18.63 -4.50 8.01
CA SER C 173 -18.63 -5.95 8.11
C SER C 173 -17.48 -6.47 8.97
N ASP C 174 -17.67 -7.69 9.48
CA ASP C 174 -16.61 -8.35 10.20
C ASP C 174 -15.64 -9.01 9.25
N PHE C 175 -14.36 -8.94 9.59
CA PHE C 175 -13.29 -9.53 8.79
C PHE C 175 -12.59 -10.60 9.61
N ASP C 176 -12.45 -11.80 9.04
CA ASP C 176 -11.65 -12.82 9.71
C ASP C 176 -10.16 -12.54 9.48
N ALA C 177 -9.31 -13.31 10.16
CA ALA C 177 -7.88 -13.02 10.16
C ALA C 177 -7.26 -13.14 8.78
N ASP C 178 -7.65 -14.17 8.03
CA ASP C 178 -7.08 -14.37 6.70
C ASP C 178 -7.42 -13.20 5.78
N LEU C 179 -8.66 -12.73 5.82
CA LEU C 179 -9.06 -11.59 5.00
C LEU C 179 -8.41 -10.31 5.49
N ALA C 180 -8.34 -10.13 6.81
CA ALA C 180 -7.63 -9.00 7.39
C ALA C 180 -6.18 -8.95 6.95
N GLU C 181 -5.51 -10.10 6.89
CA GLU C 181 -4.13 -10.15 6.40
C GLU C 181 -4.08 -9.78 4.90
N ARG C 182 -4.97 -10.36 4.10
CA ARG C 182 -4.96 -10.07 2.67
C ARG C 182 -5.16 -8.59 2.41
N TYR C 183 -6.04 -7.97 3.20
CA TYR C 183 -6.34 -6.55 3.04
C TYR C 183 -5.29 -5.61 3.66
N GLY C 184 -4.52 -6.11 4.63
CA GLY C 184 -3.46 -5.31 5.27
C GLY C 184 -3.82 -4.75 6.62
N TRP C 185 -4.97 -5.16 7.17
CA TRP C 185 -5.43 -4.69 8.47
C TRP C 185 -4.56 -5.25 9.59
N VAL C 186 -4.05 -6.47 9.40
CA VAL C 186 -3.06 -7.06 10.30
C VAL C 186 -1.81 -7.41 9.51
N ASN C 187 -0.67 -7.48 10.19
CA ASN C 187 0.59 -7.85 9.54
C ASN C 187 0.52 -9.26 9.01
N ARG C 188 0.07 -10.17 9.84
CA ARG C 188 -0.06 -11.56 9.48
C ARG C 188 -1.08 -12.28 10.34
N ALA C 189 -1.71 -13.27 9.71
CA ALA C 189 -2.55 -14.23 10.39
C ALA C 189 -1.69 -15.45 10.64
N VAL C 190 -1.81 -15.99 11.85
CA VAL C 190 -0.95 -17.06 12.35
C VAL C 190 -1.87 -18.14 12.96
N PRO C 191 -1.56 -19.44 12.74
CA PRO C 191 -2.41 -20.42 13.44
C PRO C 191 -2.42 -20.16 14.93
N ASP C 192 -3.58 -20.36 15.55
CA ASP C 192 -3.74 -20.04 16.96
C ASP C 192 -2.71 -20.73 17.84
N ALA C 193 -2.40 -21.99 17.51
CA ALA C 193 -1.45 -22.76 18.30
C ALA C 193 0.01 -22.26 18.18
N GLU C 194 0.30 -21.47 17.15
CA GLU C 194 1.63 -20.92 16.90
C GLU C 194 1.75 -19.43 17.27
N LEU C 195 0.63 -18.79 17.56
CA LEU C 195 0.59 -17.32 17.70
C LEU C 195 1.43 -16.79 18.86
N ASP C 196 1.34 -17.43 20.03
CA ASP C 196 2.10 -16.98 21.18
C ASP C 196 3.62 -17.07 20.94
N GLU C 197 4.09 -18.20 20.39
CA GLU C 197 5.51 -18.39 20.11
C GLU C 197 5.98 -17.43 19.02
N PHE C 198 5.13 -17.21 18.03
CA PHE C 198 5.48 -16.31 16.93
C PHE C 198 5.71 -14.89 17.46
N VAL C 199 4.75 -14.40 18.24
CA VAL C 199 4.83 -13.05 18.79
C VAL C 199 6.01 -12.93 19.76
N ALA C 200 6.21 -13.96 20.59
CA ALA C 200 7.35 -13.95 21.49
C ALA C 200 8.69 -13.90 20.73
N GLY C 201 8.75 -14.58 19.59
CA GLY C 201 9.93 -14.56 18.73
C GLY C 201 10.22 -13.18 18.16
N ILE C 202 9.17 -12.49 17.74
CA ILE C 202 9.29 -11.12 17.21
C ILE C 202 9.81 -10.17 18.29
N ALA C 203 9.20 -10.23 19.48
CA ALA C 203 9.64 -9.41 20.60
C ALA C 203 11.10 -9.70 20.96
N ALA C 204 11.47 -10.97 20.93
CA ALA C 204 12.83 -11.41 21.26
C ALA C 204 13.87 -10.89 20.27
N ARG C 205 13.49 -10.78 19.00
CA ARG C 205 14.37 -10.22 17.97
C ARG C 205 14.91 -8.87 18.40
N MET C 206 14.05 -8.07 19.03
CA MET C 206 14.33 -6.66 19.29
C MET C 206 14.93 -6.43 20.68
N SER C 207 14.95 -7.47 21.52
CA SER C 207 15.26 -7.32 22.95
C SER C 207 16.67 -6.82 23.22
N GLY C 208 17.61 -7.21 22.36
CA GLY C 208 19.00 -6.85 22.49
C GLY C 208 19.44 -5.70 21.60
N PHE C 209 18.48 -5.08 20.89
CA PHE C 209 18.81 -4.04 19.93
C PHE C 209 19.02 -2.70 20.65
N PRO C 210 19.90 -1.85 20.11
CA PRO C 210 20.12 -0.55 20.74
C PRO C 210 18.84 0.27 20.83
N ARG C 211 18.56 0.82 22.01
CA ARG C 211 17.34 1.54 22.26
C ARG C 211 17.15 2.71 21.30
N ASP C 212 18.22 3.45 21.05
CA ASP C 212 18.13 4.65 20.22
C ASP C 212 17.84 4.31 18.76
N ALA C 213 18.31 3.16 18.30
CA ALA C 213 18.04 2.72 16.92
C ALA C 213 16.56 2.37 16.74
N LEU C 214 16.00 1.63 17.69
CA LEU C 214 14.58 1.30 17.65
C LEU C 214 13.76 2.56 17.63
N ILE C 215 14.09 3.48 18.52
CA ILE C 215 13.33 4.73 18.64
C ILE C 215 13.45 5.59 17.38
N ALA C 216 14.68 5.75 16.89
CA ALA C 216 14.92 6.56 15.70
C ALA C 216 14.15 6.03 14.50
N ALA C 217 14.20 4.71 14.29
CA ALA C 217 13.57 4.11 13.12
C ALA C 217 12.07 4.22 13.23
N LYS C 218 11.52 3.93 14.40
CA LYS C 218 10.09 4.02 14.61
C LYS C 218 9.59 5.45 14.41
N SER C 219 10.32 6.43 14.95
CA SER C 219 9.92 7.83 14.81
CA SER C 219 9.89 7.81 14.80
C SER C 219 9.88 8.23 13.33
N ALA C 220 10.87 7.78 12.57
CA ALA C 220 10.97 8.13 11.15
C ALA C 220 9.82 7.52 10.34
N ILE C 221 9.47 6.27 10.65
CA ILE C 221 8.37 5.59 10.00
C ILE C 221 7.03 6.24 10.36
N ASN C 222 6.84 6.55 11.65
CA ASN C 222 5.64 7.25 12.11
C ASN C 222 5.45 8.60 11.40
N ALA C 223 6.55 9.32 11.20
CA ALA C 223 6.47 10.63 10.56
C ALA C 223 5.88 10.58 9.16
N ILE C 224 6.15 9.51 8.44
CA ILE C 224 5.65 9.29 7.09
C ILE C 224 4.21 8.79 7.11
N SER C 225 3.89 7.93 8.08
CA SER C 225 2.67 7.11 8.00
C SER C 225 1.55 7.48 8.96
N LEU C 226 1.79 8.41 9.88
CA LEU C 226 0.72 8.89 10.75
C LEU C 226 0.11 10.18 10.19
N PRO C 227 -1.19 10.41 10.46
CA PRO C 227 -1.81 11.68 10.10
C PRO C 227 -1.25 12.82 10.95
N ALA C 228 -1.53 14.05 10.55
CA ALA C 228 -1.25 15.21 11.40
C ALA C 228 -2.23 15.25 12.57
N PRO C 229 -1.83 15.84 13.70
CA PRO C 229 -2.76 15.97 14.82
C PRO C 229 -4.10 16.61 14.46
N ALA C 230 -4.11 17.64 13.61
CA ALA C 230 -5.38 18.28 13.23
C ALA C 230 -6.32 17.28 12.55
N GLU C 231 -5.75 16.36 11.77
CA GLU C 231 -6.55 15.33 11.11
C GLU C 231 -7.13 14.30 12.09
N VAL C 232 -6.37 13.96 13.13
CA VAL C 232 -6.89 13.12 14.20
C VAL C 232 -8.04 13.83 14.94
N ARG C 233 -7.85 15.09 15.26
CA ARG C 233 -8.91 15.90 15.89
C ARG C 233 -10.14 16.01 14.99
N ALA C 234 -9.93 16.18 13.68
CA ALA C 234 -11.05 16.28 12.76
C ALA C 234 -11.80 14.95 12.65
N ASP C 235 -11.09 13.81 12.63
CA ASP C 235 -11.77 12.50 12.63
C ASP C 235 -12.73 12.43 13.83
N ALA C 236 -12.24 12.80 15.00
CA ALA C 236 -13.05 12.74 16.21
C ALA C 236 -14.25 13.68 16.13
N ALA C 237 -14.03 14.89 15.64
CA ALA C 237 -15.09 15.89 15.52
C ALA C 237 -16.17 15.48 14.53
N LEU C 238 -15.78 14.82 13.44
CA LEU C 238 -16.72 14.36 12.42
C LEU C 238 -17.61 13.27 12.99
N PHE C 239 -16.98 12.29 13.64
CA PHE C 239 -17.71 11.27 14.40
C PHE C 239 -18.70 11.93 15.37
N GLN C 240 -18.23 12.91 16.15
CA GLN C 240 -19.10 13.53 17.16
C GLN C 240 -20.29 14.24 16.53
N GLN C 241 -20.12 14.88 15.38
CA GLN C 241 -21.24 15.59 14.75
C GLN C 241 -22.34 14.61 14.38
N LEU C 242 -21.97 13.46 13.84
CA LEU C 242 -22.97 12.49 13.37
C LEU C 242 -23.59 11.74 14.54
N VAL C 243 -22.83 11.51 15.59
CA VAL C 243 -23.31 10.76 16.76
C VAL C 243 -24.41 11.54 17.48
N ARG C 244 -24.38 12.88 17.38
CA ARG C 244 -25.44 13.71 17.96
C ARG C 244 -26.79 13.54 17.25
N GLY C 245 -26.78 13.02 16.04
CA GLY C 245 -27.98 12.95 15.22
C GLY C 245 -28.96 11.89 15.64
N GLU C 246 -30.19 12.04 15.15
CA GLU C 246 -31.30 11.14 15.47
C GLU C 246 -31.02 9.68 15.08
N LYS C 247 -30.48 9.45 13.90
CA LYS C 247 -30.24 8.08 13.43
C LYS C 247 -29.28 7.31 14.33
N VAL C 248 -28.16 7.92 14.71
CA VAL C 248 -27.23 7.24 15.63
C VAL C 248 -27.91 6.95 16.97
N GLN C 249 -28.67 7.91 17.49
CA GLN C 249 -29.32 7.73 18.80
C GLN C 249 -30.33 6.59 18.72
N GLN C 250 -31.15 6.61 17.68
CA GLN C 250 -32.14 5.57 17.44
C GLN C 250 -31.53 4.19 17.25
N ARG C 251 -30.52 4.09 16.39
CA ARG C 251 -29.90 2.81 16.09
C ARG C 251 -29.10 2.27 17.26
N THR C 252 -28.44 3.15 18.02
CA THR C 252 -27.79 2.73 19.24
C THR C 252 -28.82 2.17 20.25
N ALA C 253 -29.95 2.86 20.40
CA ALA C 253 -30.99 2.39 21.31
C ALA C 253 -31.52 1.02 20.88
N GLU C 254 -31.69 0.80 19.58
CA GLU C 254 -32.19 -0.49 19.08
C GLU C 254 -31.16 -1.58 19.37
N LEU C 255 -29.88 -1.29 19.17
CA LEU C 255 -28.83 -2.24 19.50
C LEU C 255 -28.85 -2.64 20.99
N PHE C 256 -29.01 -1.66 21.88
CA PHE C 256 -29.10 -1.96 23.31
C PHE C 256 -30.33 -2.84 23.58
N LYS C 257 -31.44 -2.55 22.90
CA LYS C 257 -32.65 -3.38 23.02
C LYS C 257 -32.36 -4.83 22.62
N GLN C 258 -31.45 -5.01 21.65
CA GLN C 258 -31.06 -6.35 21.16
C GLN C 258 -29.85 -6.97 21.88
N GLY C 259 -29.43 -6.41 23.01
CA GLY C 259 -28.36 -7.01 23.82
C GLY C 259 -26.95 -6.47 23.63
N PHE C 260 -26.84 -5.30 22.99
CA PHE C 260 -25.55 -4.59 22.89
C PHE C 260 -24.98 -4.42 24.29
N GLN C 261 -23.67 -4.57 24.43
CA GLN C 261 -22.96 -4.53 25.70
C GLN C 261 -23.37 -5.63 26.69
N THR C 262 -23.84 -6.74 26.15
CA THR C 262 -23.94 -8.00 26.88
C THR C 262 -23.31 -9.09 26.00
N ARG C 263 -22.96 -10.23 26.59
CA ARG C 263 -22.32 -11.32 25.84
C ARG C 263 -23.39 -12.18 25.16
N GLY C 264 -23.97 -11.63 24.11
CA GLY C 264 -25.02 -12.27 23.29
C GLY C 264 -24.68 -12.25 21.82
N ALA C 265 -25.65 -12.55 20.98
CA ALA C 265 -25.43 -12.68 19.53
C ALA C 265 -25.06 -11.34 18.91
N THR C 266 -25.64 -10.26 19.42
CA THR C 266 -25.40 -8.94 18.86
C THR C 266 -23.92 -8.55 18.99
N GLU C 267 -23.32 -8.81 20.15
CA GLU C 267 -21.89 -8.51 20.32
C GLU C 267 -20.98 -9.57 19.71
N LEU C 268 -21.35 -10.84 19.82
CA LEU C 268 -20.52 -11.87 19.22
C LEU C 268 -20.43 -11.73 17.71
N ASP C 269 -21.55 -11.36 17.07
CA ASP C 269 -21.65 -11.24 15.61
C ASP C 269 -22.19 -9.85 15.22
N LEU C 270 -21.51 -8.80 15.68
CA LEU C 270 -22.00 -7.44 15.48
C LEU C 270 -22.08 -7.04 14.02
N GLY C 271 -21.09 -7.44 13.21
CA GLY C 271 -21.14 -7.16 11.78
C GLY C 271 -22.47 -7.58 11.16
N ASP C 272 -22.86 -8.82 11.44
CA ASP C 272 -24.12 -9.35 10.95
C ASP C 272 -25.32 -8.62 11.54
N ALA C 273 -25.26 -8.31 12.84
CA ALA C 273 -26.36 -7.67 13.55
C ALA C 273 -26.75 -6.31 12.96
N LEU C 274 -25.75 -5.58 12.49
CA LEU C 274 -26.00 -4.26 11.92
C LEU C 274 -26.89 -4.33 10.68
N GLY C 275 -26.78 -5.43 9.95
CA GLY C 275 -27.59 -5.67 8.75
C GLY C 275 -29.08 -5.85 9.03
N HIS C 276 -29.43 -6.20 10.27
CA HIS C 276 -30.84 -6.41 10.63
C HIS C 276 -31.53 -5.14 11.13
N LEU C 277 -30.78 -4.06 11.32
CA LEU C 277 -31.38 -2.79 11.74
C LEU C 277 -32.16 -2.17 10.58
S DMS D . 24.32 -2.45 7.70
O DMS D . 23.42 -2.58 6.17
C1 DMS D . 25.97 -3.15 7.46
C2 DMS D . 24.82 -0.71 7.94
NA NA E . -0.64 -2.55 -0.05
S DMS F . -5.56 3.65 -25.05
O DMS F . -6.46 3.00 -23.69
C1 DMS F . -6.48 3.23 -26.57
C2 DMS F . -5.74 5.45 -25.07
S DMS G . -16.28 -0.54 -32.75
O DMS G . -17.59 0.02 -31.73
C1 DMS G . -16.71 -2.18 -33.41
C2 DMS G . -16.26 0.44 -34.27
S DMS H . -6.17 11.48 -32.06
O DMS H . -7.50 12.31 -31.23
C1 DMS H . -6.12 9.78 -31.45
C2 DMS H . -6.74 11.20 -33.76
S DMS I . 1.74 -10.23 -16.62
O DMS I . 3.31 -10.59 -15.84
C1 DMS I . 0.52 -11.47 -16.10
C2 DMS I . 1.00 -8.75 -15.88
S DMS J . 0.43 -9.61 -22.57
O DMS J . -0.61 -8.37 -21.85
C1 DMS J . 1.78 -9.94 -21.41
C2 DMS J . -0.49 -11.17 -22.46
S DMS K . -21.32 4.46 17.25
O DMS K . -19.63 3.98 17.40
C1 DMS K . -21.67 5.68 18.54
C2 DMS K . -21.52 5.49 15.77
#